data_1JDP
#
_entry.id   1JDP
#
_cell.length_a   56.800
_cell.length_b   136.455
_cell.length_c   137.591
_cell.angle_alpha   90.00
_cell.angle_beta   90.00
_cell.angle_gamma   90.00
#
_symmetry.space_group_name_H-M   'P 21 21 21'
#
loop_
_entity.id
_entity.type
_entity.pdbx_description
1 polymer 'ATRIAL NATRIURETIC PEPTIDE CLEARANCE RECEPTOR'
2 polymer 'C-TYPE NATRIURETIC PEPTIDE'
3 branched 2-acetamido-2-deoxy-beta-D-glucopyranose-(1-4)-2-acetamido-2-deoxy-beta-D-glucopyranose
4 non-polymer 2-acetamido-2-deoxy-beta-D-glucopyranose
5 non-polymer 'CHLORIDE ION'
6 water water
#
loop_
_entity_poly.entity_id
_entity_poly.type
_entity_poly.pdbx_seq_one_letter_code
_entity_poly.pdbx_strand_id
1 'polypeptide(L)'
;EREALPPQKIEVLVLLPQDDSYLFSLTRVRPAIEYALRSVEGNGTGRRLLPPGTRFQVAYEDSDCGNRALFSLVDRVAAA
RGAKPDLILGPVCEYAAAPVARLASHWDLPMLSAGALAAGFQHKDSEYSHLTRVAPAYAKMGEMMLALFRHHHWSRAALV
YSDDKLERNCYFTLEGVHEVFQEEGLHTSIYSFDETKDLDLEDIVRNIQASERVVIMCASSDTIRSIMLVAHRHGMTSGD
YAFFNIELFNSSSYGDGSWKRGDKHDFEAKQAYSSLQTVTLLRTVKPEFEKFSMEVKSSVEKQGLNMEDYVNMFVEGFHD
AILLYVLALHEVLRAGYSKKDGGKIIQQTWNRTFEGIAGQVSIDANGDRYGDFSVIAMTDVEAGTQEVIGDYFGKEGRFE
MRPNVKYPWGPLKLRIDENRIVEHTNSSPCKSCGLEESAVT
;
A,B
2 'polypeptide(L)' GLSKGCFGLKLDRIGSMSGLGC H
#
loop_
_chem_comp.id
_chem_comp.type
_chem_comp.name
_chem_comp.formula
CL non-polymer 'CHLORIDE ION' 'Cl -1'
NAG D-saccharide, beta linking 2-acetamido-2-deoxy-beta-D-glucopyranose 'C8 H15 N O6'
#
# COMPACT_ATOMS: atom_id res chain seq x y z
N GLU A 3 -28.49 15.44 36.93
CA GLU A 3 -28.77 16.69 36.16
C GLU A 3 -28.71 16.45 34.65
N ALA A 4 -29.39 15.39 34.22
CA ALA A 4 -29.45 15.01 32.81
C ALA A 4 -29.01 16.10 31.84
N LEU A 5 -28.06 15.77 30.98
CA LEU A 5 -27.54 16.70 29.98
C LEU A 5 -28.57 16.89 28.87
N PRO A 6 -28.30 17.82 27.94
CA PRO A 6 -29.27 18.01 26.86
C PRO A 6 -29.28 16.81 25.93
N PRO A 7 -30.46 16.47 25.38
CA PRO A 7 -30.55 15.34 24.46
C PRO A 7 -29.45 15.41 23.40
N GLN A 8 -28.90 14.26 23.01
CA GLN A 8 -27.83 14.23 21.99
C GLN A 8 -28.38 13.71 20.66
N LYS A 9 -27.75 14.15 19.57
CA LYS A 9 -28.10 13.71 18.21
C LYS A 9 -26.77 13.17 17.65
N ILE A 10 -26.57 11.86 17.83
CA ILE A 10 -25.34 11.20 17.40
C ILE A 10 -25.44 10.71 15.96
N GLU A 11 -24.54 11.16 15.12
CA GLU A 11 -24.55 10.73 13.73
C GLU A 11 -23.47 9.70 13.48
N VAL A 12 -23.86 8.50 13.06
CA VAL A 12 -22.87 7.49 12.80
C VAL A 12 -22.89 7.14 11.32
N LEU A 13 -21.70 6.94 10.76
CA LEU A 13 -21.54 6.57 9.36
C LEU A 13 -21.02 5.12 9.34
N VAL A 14 -21.75 4.25 8.67
CA VAL A 14 -21.34 2.87 8.57
C VAL A 14 -20.83 2.67 7.16
N LEU A 15 -19.58 2.22 7.09
CA LEU A 15 -18.91 1.97 5.83
C LEU A 15 -18.57 0.47 5.73
N LEU A 16 -19.42 -0.27 5.04
CA LEU A 16 -19.23 -1.71 4.83
C LEU A 16 -19.66 -2.06 3.39
N PRO A 17 -19.38 -3.29 2.93
CA PRO A 17 -19.81 -3.61 1.55
C PRO A 17 -21.32 -3.87 1.37
N GLN A 18 -21.86 -3.46 0.24
CA GLN A 18 -23.26 -3.69 -0.08
C GLN A 18 -23.35 -5.15 -0.52
N ASP A 19 -22.32 -5.58 -1.25
CA ASP A 19 -22.20 -6.93 -1.76
C ASP A 19 -22.24 -7.91 -0.62
N ASP A 20 -23.26 -8.76 -0.59
CA ASP A 20 -23.45 -9.74 0.47
C ASP A 20 -22.53 -10.94 0.36
N SER A 21 -21.57 -10.86 -0.55
CA SER A 21 -20.59 -11.91 -0.69
C SER A 21 -19.71 -11.87 0.57
N TYR A 22 -19.61 -10.70 1.20
CA TYR A 22 -18.80 -10.54 2.40
C TYR A 22 -19.56 -10.86 3.68
N LEU A 23 -18.83 -11.37 4.68
CA LEU A 23 -19.44 -11.70 5.95
C LEU A 23 -19.84 -10.45 6.72
N PHE A 24 -19.24 -9.33 6.34
CA PHE A 24 -19.49 -8.07 7.03
C PHE A 24 -20.26 -7.08 6.15
N SER A 25 -21.05 -7.59 5.22
CA SER A 25 -21.83 -6.71 4.37
C SER A 25 -22.80 -5.90 5.23
N LEU A 26 -23.27 -4.79 4.68
CA LEU A 26 -24.21 -3.93 5.37
C LEU A 26 -25.47 -4.67 5.85
N THR A 27 -26.17 -5.37 4.96
CA THR A 27 -27.41 -6.03 5.40
C THR A 27 -27.12 -7.05 6.50
N ARG A 28 -25.97 -7.72 6.45
CA ARG A 28 -25.63 -8.69 7.49
C ARG A 28 -25.29 -8.05 8.84
N VAL A 29 -24.67 -6.87 8.79
CA VAL A 29 -24.23 -6.17 10.02
C VAL A 29 -25.26 -5.21 10.64
N ARG A 30 -26.05 -4.57 9.79
CA ARG A 30 -27.07 -3.62 10.22
C ARG A 30 -27.99 -4.16 11.32
N PRO A 31 -28.48 -5.40 11.19
CA PRO A 31 -29.36 -5.93 12.23
C PRO A 31 -28.69 -5.89 13.59
N ALA A 32 -27.39 -6.18 13.62
CA ALA A 32 -26.64 -6.19 14.87
C ALA A 32 -26.41 -4.79 15.45
N ILE A 33 -26.12 -3.82 14.60
CA ILE A 33 -25.92 -2.44 15.06
C ILE A 33 -27.24 -1.96 15.67
N GLU A 34 -28.33 -2.18 14.94
CA GLU A 34 -29.66 -1.78 15.38
C GLU A 34 -30.05 -2.49 16.67
N TYR A 35 -29.59 -3.72 16.84
CA TYR A 35 -29.91 -4.46 18.05
C TYR A 35 -29.23 -3.80 19.23
N ALA A 36 -27.98 -3.40 19.04
CA ALA A 36 -27.24 -2.74 20.11
C ALA A 36 -27.78 -1.35 20.43
N LEU A 37 -28.25 -0.62 19.41
CA LEU A 37 -28.79 0.72 19.66
C LEU A 37 -30.09 0.52 20.44
N ARG A 38 -30.88 -0.47 20.06
CA ARG A 38 -32.12 -0.78 20.75
C ARG A 38 -31.80 -0.99 22.22
N SER A 39 -30.70 -1.68 22.43
CA SER A 39 -30.24 -2.04 23.76
C SER A 39 -29.69 -0.89 24.60
N VAL A 40 -29.23 0.18 23.95
CA VAL A 40 -28.67 1.30 24.70
C VAL A 40 -29.68 2.35 25.12
N GLU A 41 -30.77 2.48 24.37
CA GLU A 41 -31.79 3.46 24.70
C GLU A 41 -32.84 2.85 25.63
N GLY A 42 -32.39 2.39 26.80
CA GLY A 42 -33.30 1.80 27.76
C GLY A 42 -33.02 0.34 28.08
N ARG A 48 -29.21 3.53 31.80
CA ARG A 48 -29.05 4.33 30.60
C ARG A 48 -27.77 5.13 30.81
N LEU A 49 -26.97 5.29 29.75
CA LEU A 49 -25.71 6.01 29.87
C LEU A 49 -25.67 7.37 29.18
N LEU A 50 -26.51 7.56 28.17
CA LEU A 50 -26.54 8.82 27.45
C LEU A 50 -27.64 9.72 28.03
N PRO A 51 -27.54 11.06 27.76
CA PRO A 51 -28.57 11.98 28.24
C PRO A 51 -29.94 11.50 27.73
N PRO A 52 -30.97 11.54 28.58
CA PRO A 52 -32.28 11.10 28.10
C PRO A 52 -32.70 11.86 26.84
N GLY A 53 -33.49 11.23 25.98
CA GLY A 53 -33.91 11.91 24.76
C GLY A 53 -32.90 11.83 23.62
N THR A 54 -31.74 11.25 23.89
CA THR A 54 -30.68 11.09 22.89
C THR A 54 -31.14 10.23 21.73
N ARG A 55 -30.80 10.63 20.51
CA ARG A 55 -31.17 9.86 19.34
C ARG A 55 -29.94 9.55 18.47
N PHE A 56 -30.02 8.46 17.72
CA PHE A 56 -28.97 8.04 16.81
C PHE A 56 -29.46 8.07 15.38
N GLN A 57 -28.68 8.71 14.52
CA GLN A 57 -28.98 8.75 13.10
C GLN A 57 -27.84 7.95 12.49
N VAL A 58 -28.17 6.84 11.85
CA VAL A 58 -27.16 5.98 11.25
C VAL A 58 -27.27 5.95 9.73
N ALA A 59 -26.19 6.30 9.04
CA ALA A 59 -26.18 6.25 7.60
C ALA A 59 -25.40 4.99 7.18
N TYR A 60 -25.99 4.15 6.34
CA TYR A 60 -25.32 2.94 5.88
C TYR A 60 -24.83 3.19 4.47
N GLU A 61 -23.50 3.17 4.31
CA GLU A 61 -22.87 3.47 3.04
C GLU A 61 -21.94 2.36 2.53
N ASP A 62 -22.05 2.05 1.24
CA ASP A 62 -21.25 1.01 0.59
C ASP A 62 -19.76 1.38 0.53
N SER A 63 -18.93 0.55 1.16
CA SER A 63 -17.50 0.79 1.15
C SER A 63 -16.92 0.17 -0.13
N ASP A 64 -17.68 -0.76 -0.72
CA ASP A 64 -17.23 -1.47 -1.92
C ASP A 64 -15.88 -2.17 -1.63
N CYS A 65 -15.59 -2.39 -0.34
CA CYS A 65 -14.31 -3.01 0.07
C CYS A 65 -13.17 -2.32 -0.68
N GLY A 66 -13.30 -1.01 -0.88
CA GLY A 66 -12.27 -0.30 -1.60
C GLY A 66 -12.25 1.20 -1.44
N ASN A 67 -11.90 1.88 -2.52
CA ASN A 67 -11.80 3.32 -2.51
C ASN A 67 -13.11 4.07 -2.23
N ARG A 68 -14.24 3.43 -2.51
CA ARG A 68 -15.56 4.04 -2.31
C ARG A 68 -15.80 4.56 -0.89
N ALA A 69 -15.34 3.83 0.11
CA ALA A 69 -15.50 4.23 1.49
C ALA A 69 -14.98 5.65 1.69
N LEU A 70 -13.75 5.88 1.24
CA LEU A 70 -13.16 7.20 1.37
C LEU A 70 -13.96 8.25 0.62
N PHE A 71 -14.33 7.94 -0.63
CA PHE A 71 -15.10 8.84 -1.47
C PHE A 71 -16.41 9.28 -0.79
N SER A 72 -17.12 8.33 -0.21
CA SER A 72 -18.38 8.63 0.46
C SER A 72 -18.19 9.47 1.71
N LEU A 73 -17.14 9.17 2.46
CA LEU A 73 -16.89 9.94 3.67
C LEU A 73 -16.68 11.39 3.24
N VAL A 74 -15.76 11.58 2.31
CA VAL A 74 -15.45 12.91 1.84
C VAL A 74 -16.64 13.62 1.24
N ASP A 75 -17.39 12.93 0.39
CA ASP A 75 -18.56 13.52 -0.26
C ASP A 75 -19.62 13.96 0.74
N ARG A 76 -19.80 13.17 1.79
CA ARG A 76 -20.80 13.50 2.80
C ARG A 76 -20.40 14.74 3.56
N VAL A 77 -19.14 14.81 3.96
CA VAL A 77 -18.70 15.97 4.70
C VAL A 77 -18.89 17.23 3.85
N ALA A 78 -18.40 17.19 2.61
CA ALA A 78 -18.50 18.32 1.70
C ALA A 78 -19.97 18.72 1.45
N ALA A 79 -20.84 17.75 1.18
CA ALA A 79 -22.26 18.05 0.97
C ALA A 79 -22.85 18.69 2.22
N ALA A 80 -22.46 18.19 3.39
CA ALA A 80 -22.95 18.68 4.67
C ALA A 80 -22.20 19.94 5.07
N ARG A 81 -21.53 20.53 4.09
CA ARG A 81 -20.77 21.76 4.27
C ARG A 81 -19.73 21.75 5.38
N GLY A 82 -19.05 20.62 5.56
CA GLY A 82 -18.02 20.54 6.57
C GLY A 82 -18.41 19.77 7.82
N ALA A 83 -19.69 19.41 7.93
CA ALA A 83 -20.16 18.66 9.09
C ALA A 83 -19.63 17.25 8.95
N LYS A 84 -19.14 16.71 10.07
CA LYS A 84 -18.59 15.37 10.11
C LYS A 84 -19.36 14.42 10.99
N PRO A 85 -19.35 13.12 10.64
CA PRO A 85 -20.07 12.18 11.48
C PRO A 85 -19.44 12.19 12.89
N ASP A 86 -20.19 11.74 13.90
CA ASP A 86 -19.67 11.68 15.28
C ASP A 86 -18.98 10.34 15.53
N LEU A 87 -19.30 9.36 14.69
CA LEU A 87 -18.75 8.01 14.83
C LEU A 87 -18.73 7.36 13.47
N ILE A 88 -17.60 6.73 13.13
CA ILE A 88 -17.47 6.01 11.88
C ILE A 88 -17.30 4.53 12.25
N LEU A 89 -18.09 3.66 11.63
CA LEU A 89 -18.01 2.22 11.90
C LEU A 89 -17.55 1.61 10.59
N GLY A 90 -16.42 0.88 10.65
CA GLY A 90 -15.86 0.30 9.43
C GLY A 90 -14.95 1.35 8.77
N PRO A 91 -14.33 1.06 7.61
CA PRO A 91 -14.43 -0.19 6.85
C PRO A 91 -13.75 -1.34 7.55
N VAL A 92 -13.99 -2.52 6.99
CA VAL A 92 -13.39 -3.74 7.46
C VAL A 92 -12.22 -4.08 6.54
N CYS A 93 -12.42 -3.95 5.24
CA CYS A 93 -11.34 -4.23 4.28
C CYS A 93 -10.11 -3.35 4.51
N GLU A 94 -8.97 -4.01 4.66
CA GLU A 94 -7.71 -3.34 4.95
C GLU A 94 -7.39 -2.12 4.08
N TYR A 95 -7.49 -2.26 2.77
CA TYR A 95 -7.17 -1.13 1.91
C TYR A 95 -8.26 -0.07 1.94
N ALA A 96 -9.48 -0.46 2.30
CA ALA A 96 -10.57 0.53 2.38
C ALA A 96 -10.39 1.32 3.66
N ALA A 97 -10.06 0.59 4.72
CA ALA A 97 -9.92 1.19 6.03
C ALA A 97 -8.77 2.15 6.25
N ALA A 98 -7.61 1.89 5.64
CA ALA A 98 -6.45 2.75 5.89
C ALA A 98 -6.67 4.22 5.55
N PRO A 99 -7.27 4.52 4.39
CA PRO A 99 -7.46 5.96 4.12
C PRO A 99 -8.50 6.58 5.08
N VAL A 100 -9.60 5.88 5.33
CA VAL A 100 -10.61 6.38 6.26
C VAL A 100 -10.03 6.62 7.67
N ALA A 101 -9.16 5.71 8.12
CA ALA A 101 -8.53 5.83 9.42
C ALA A 101 -7.66 7.06 9.43
N ARG A 102 -6.91 7.28 8.35
CA ARG A 102 -6.05 8.44 8.28
C ARG A 102 -6.83 9.75 8.43
N LEU A 103 -7.97 9.86 7.72
CA LEU A 103 -8.83 11.05 7.80
C LEU A 103 -9.50 11.18 9.16
N ALA A 104 -9.91 10.07 9.76
CA ALA A 104 -10.57 10.14 11.05
C ALA A 104 -9.59 10.70 12.09
N SER A 105 -8.33 10.32 11.97
CA SER A 105 -7.31 10.79 12.88
C SER A 105 -7.09 12.30 12.61
N HIS A 106 -7.05 12.67 11.34
CA HIS A 106 -6.85 14.05 10.95
C HIS A 106 -8.02 14.95 11.39
N TRP A 107 -9.24 14.44 11.32
CA TRP A 107 -10.43 15.20 11.71
C TRP A 107 -10.81 14.99 13.18
N ASP A 108 -10.05 14.16 13.88
CA ASP A 108 -10.33 13.90 15.29
C ASP A 108 -11.70 13.26 15.48
N LEU A 109 -12.06 12.33 14.59
CA LEU A 109 -13.34 11.61 14.70
C LEU A 109 -13.03 10.19 15.17
N PRO A 110 -13.87 9.61 16.07
CA PRO A 110 -13.56 8.24 16.51
C PRO A 110 -13.98 7.23 15.43
N MET A 111 -13.12 6.24 15.20
CA MET A 111 -13.40 5.18 14.22
C MET A 111 -13.22 3.82 14.87
N LEU A 112 -14.31 3.03 14.91
CA LEU A 112 -14.28 1.68 15.43
C LEU A 112 -14.57 0.69 14.29
N SER A 113 -13.83 -0.41 14.28
CA SER A 113 -14.03 -1.39 13.23
C SER A 113 -13.82 -2.78 13.78
N ALA A 114 -14.55 -3.75 13.23
CA ALA A 114 -14.35 -5.13 13.66
C ALA A 114 -13.39 -5.72 12.62
N GLY A 115 -12.85 -4.85 11.77
CA GLY A 115 -11.89 -5.30 10.76
C GLY A 115 -10.58 -4.55 10.89
N ALA A 116 -9.97 -4.21 9.76
CA ALA A 116 -8.69 -3.50 9.78
C ALA A 116 -7.75 -4.31 10.65
N LEU A 117 -7.70 -5.61 10.39
CA LEU A 117 -6.89 -6.52 11.19
C LEU A 117 -5.41 -6.57 10.91
N ALA A 118 -4.96 -5.93 9.83
CA ALA A 118 -3.56 -5.92 9.44
C ALA A 118 -2.65 -5.27 10.47
N ALA A 119 -1.41 -5.78 10.51
CA ALA A 119 -0.36 -5.33 11.41
C ALA A 119 -0.07 -3.82 11.40
N GLY A 120 -0.17 -3.21 10.23
CA GLY A 120 0.12 -1.79 10.10
C GLY A 120 -0.68 -0.86 10.99
N PHE A 121 -1.94 -1.20 11.25
CA PHE A 121 -2.83 -0.39 12.07
C PHE A 121 -2.44 -0.42 13.54
N GLN A 122 -1.42 -1.20 13.88
CA GLN A 122 -0.95 -1.34 15.25
C GLN A 122 -0.27 -0.06 15.73
N HIS A 123 0.36 0.63 14.81
CA HIS A 123 1.08 1.86 15.12
C HIS A 123 0.15 3.04 15.10
N LYS A 124 -0.31 3.42 16.28
CA LYS A 124 -1.24 4.51 16.41
C LYS A 124 -0.67 5.83 16.93
N ASP A 125 0.64 6.00 16.85
CA ASP A 125 1.27 7.24 17.32
C ASP A 125 0.73 8.46 16.58
N SER A 126 0.37 8.28 15.31
CA SER A 126 -0.12 9.40 14.55
C SER A 126 -1.18 9.06 13.52
N GLU A 127 -0.75 8.38 12.49
CA GLU A 127 -1.60 8.00 11.39
C GLU A 127 -2.90 7.26 11.78
N TYR A 128 -2.79 6.30 12.68
CA TYR A 128 -3.96 5.54 13.09
C TYR A 128 -4.43 5.80 14.52
N SER A 129 -4.17 7.03 15.00
CA SER A 129 -4.61 7.38 16.34
C SER A 129 -6.08 7.41 16.03
N HIS A 130 -6.94 7.29 17.00
CA HIS A 130 -8.37 7.35 16.65
C HIS A 130 -9.02 6.09 16.07
N LEU A 131 -8.25 5.03 15.88
CA LEU A 131 -8.83 3.78 15.42
C LEU A 131 -8.84 2.80 16.58
N THR A 132 -10.01 2.25 16.87
CA THR A 132 -10.14 1.26 17.94
C THR A 132 -10.61 -0.01 17.25
N ARG A 133 -9.85 -1.10 17.42
CA ARG A 133 -10.25 -2.34 16.77
C ARG A 133 -10.98 -3.22 17.73
N VAL A 134 -12.22 -3.53 17.41
CA VAL A 134 -13.06 -4.31 18.31
C VAL A 134 -12.96 -5.82 18.17
N ALA A 135 -12.36 -6.29 17.07
CA ALA A 135 -12.16 -7.74 16.86
C ALA A 135 -10.64 -8.01 16.93
N PRO A 136 -10.25 -9.26 17.21
CA PRO A 136 -8.83 -9.65 17.30
C PRO A 136 -8.03 -9.44 16.00
N ALA A 137 -6.99 -8.63 16.09
CA ALA A 137 -6.13 -8.36 14.94
C ALA A 137 -5.29 -9.60 14.69
N TYR A 138 -4.71 -9.69 13.49
CA TYR A 138 -3.91 -10.85 13.13
C TYR A 138 -2.72 -11.05 14.01
N ALA A 139 -2.16 -9.97 14.55
CA ALA A 139 -1.01 -10.12 15.43
C ALA A 139 -1.44 -10.84 16.70
N LYS A 140 -2.74 -10.78 17.02
CA LYS A 140 -3.20 -11.47 18.22
C LYS A 140 -3.17 -12.97 17.97
N MET A 141 -3.51 -13.37 16.75
CA MET A 141 -3.47 -14.79 16.37
C MET A 141 -1.98 -15.18 16.32
N GLY A 142 -1.14 -14.24 15.91
CA GLY A 142 0.29 -14.50 15.88
C GLY A 142 0.86 -14.81 17.26
N GLU A 143 0.42 -14.04 18.26
CA GLU A 143 0.91 -14.26 19.62
C GLU A 143 0.45 -15.62 20.10
N MET A 144 -0.74 -16.00 19.67
CA MET A 144 -1.24 -17.28 20.07
C MET A 144 -0.41 -18.39 19.42
N MET A 145 0.01 -18.18 18.16
CA MET A 145 0.80 -19.21 17.49
C MET A 145 2.19 -19.35 18.15
N LEU A 146 2.72 -18.23 18.64
CA LEU A 146 4.01 -18.21 19.30
C LEU A 146 3.93 -19.09 20.55
N ALA A 147 2.85 -18.92 21.30
CA ALA A 147 2.63 -19.67 22.54
C ALA A 147 2.44 -21.13 22.18
N LEU A 148 1.69 -21.39 21.11
CA LEU A 148 1.51 -22.76 20.69
C LEU A 148 2.89 -23.34 20.36
N PHE A 149 3.74 -22.57 19.70
CA PHE A 149 5.09 -23.05 19.36
C PHE A 149 5.95 -23.25 20.62
N ARG A 150 5.88 -22.30 21.54
CA ARG A 150 6.64 -22.43 22.79
C ARG A 150 6.17 -23.68 23.53
N HIS A 151 4.87 -23.95 23.45
CA HIS A 151 4.30 -25.11 24.12
C HIS A 151 4.96 -26.38 23.58
N HIS A 152 5.18 -26.43 22.27
CA HIS A 152 5.78 -27.61 21.66
C HIS A 152 7.31 -27.55 21.55
N HIS A 153 7.89 -26.40 21.84
CA HIS A 153 9.32 -26.17 21.74
C HIS A 153 9.72 -26.13 20.24
N TRP A 154 8.79 -25.73 19.38
CA TRP A 154 9.09 -25.59 17.95
C TRP A 154 9.67 -24.19 17.76
N SER A 155 10.65 -24.05 16.88
CA SER A 155 11.23 -22.74 16.66
C SER A 155 11.37 -22.30 15.18
N ARG A 156 10.79 -23.09 14.26
CA ARG A 156 10.86 -22.77 12.84
C ARG A 156 9.53 -23.16 12.21
N ALA A 157 9.16 -22.50 11.12
CA ALA A 157 7.93 -22.81 10.43
C ALA A 157 7.96 -22.38 8.94
N ALA A 158 7.18 -23.07 8.11
CA ALA A 158 7.05 -22.68 6.70
C ALA A 158 5.71 -21.96 6.67
N LEU A 159 5.67 -20.74 6.15
CA LEU A 159 4.42 -19.99 6.07
C LEU A 159 4.04 -20.15 4.59
N VAL A 160 2.84 -20.63 4.33
CA VAL A 160 2.42 -20.89 2.94
C VAL A 160 1.06 -20.25 2.75
N TYR A 161 0.98 -19.24 1.93
CA TYR A 161 -0.29 -18.59 1.82
C TYR A 161 -0.59 -18.06 0.43
N SER A 162 -1.87 -17.85 0.21
CA SER A 162 -2.34 -17.31 -1.04
C SER A 162 -2.34 -15.80 -0.92
N ASP A 163 -1.77 -15.15 -1.93
CA ASP A 163 -1.73 -13.71 -1.95
C ASP A 163 -2.33 -13.16 -3.24
N ASP A 164 -3.54 -12.64 -3.11
CA ASP A 164 -4.40 -11.96 -4.11
C ASP A 164 -3.81 -10.78 -4.81
N LYS A 165 -3.05 -10.02 -4.03
CA LYS A 165 -2.46 -8.77 -4.48
C LYS A 165 -3.65 -7.83 -4.59
N LEU A 166 -4.81 -8.27 -4.08
CA LEU A 166 -6.04 -7.48 -4.09
C LEU A 166 -6.52 -7.24 -2.64
N GLU A 167 -7.39 -8.10 -2.12
CA GLU A 167 -7.86 -7.97 -0.73
C GLU A 167 -6.80 -8.59 0.21
N ARG A 168 -6.07 -9.55 -0.31
CA ARG A 168 -4.94 -10.19 0.37
C ARG A 168 -5.18 -10.64 1.81
N ASN A 169 -6.38 -11.14 2.11
CA ASN A 169 -6.68 -11.56 3.47
C ASN A 169 -5.68 -12.55 4.06
N CYS A 170 -5.29 -13.56 3.28
CA CYS A 170 -4.36 -14.52 3.83
C CYS A 170 -2.94 -13.99 3.98
N TYR A 171 -2.57 -13.03 3.16
CA TYR A 171 -1.27 -12.40 3.26
C TYR A 171 -1.21 -11.62 4.60
N PHE A 172 -2.24 -10.82 4.89
CA PHE A 172 -2.27 -10.06 6.14
C PHE A 172 -2.38 -11.01 7.36
N THR A 173 -3.08 -12.12 7.19
CA THR A 173 -3.21 -13.08 8.27
C THR A 173 -1.84 -13.62 8.67
N LEU A 174 -1.08 -14.11 7.69
CA LEU A 174 0.23 -14.66 7.99
C LEU A 174 1.27 -13.60 8.33
N GLU A 175 1.00 -12.35 7.96
CA GLU A 175 1.89 -11.25 8.33
C GLU A 175 1.82 -11.15 9.87
N GLY A 176 0.64 -11.44 10.40
CA GLY A 176 0.43 -11.39 11.83
C GLY A 176 1.36 -12.38 12.53
N VAL A 177 1.54 -13.55 11.91
CA VAL A 177 2.43 -14.58 12.45
C VAL A 177 3.88 -14.17 12.19
N HIS A 178 4.18 -13.77 10.96
CA HIS A 178 5.55 -13.37 10.64
C HIS A 178 6.08 -12.31 11.58
N GLU A 179 5.30 -11.25 11.80
CA GLU A 179 5.73 -10.17 12.70
C GLU A 179 6.13 -10.66 14.07
N VAL A 180 5.26 -11.44 14.69
CA VAL A 180 5.51 -11.95 16.02
C VAL A 180 6.70 -12.88 16.07
N PHE A 181 6.77 -13.80 15.11
CA PHE A 181 7.87 -14.76 15.08
C PHE A 181 9.21 -14.06 14.87
N GLN A 182 9.24 -13.03 14.05
CA GLN A 182 10.47 -12.32 13.81
C GLN A 182 10.91 -11.61 15.10
N GLU A 183 9.96 -10.98 15.78
CA GLU A 183 10.28 -10.30 17.03
C GLU A 183 10.99 -11.28 17.96
N GLU A 184 10.39 -12.45 18.15
CA GLU A 184 10.93 -13.48 19.03
C GLU A 184 12.13 -14.27 18.53
N GLY A 185 12.49 -14.12 17.27
CA GLY A 185 13.64 -14.86 16.77
C GLY A 185 13.39 -16.24 16.20
N LEU A 186 12.13 -16.58 15.89
CA LEU A 186 11.87 -17.88 15.30
C LEU A 186 12.12 -17.77 13.80
N HIS A 187 12.51 -18.86 13.16
CA HIS A 187 12.77 -18.77 11.73
C HIS A 187 11.53 -19.07 10.90
N THR A 188 11.31 -18.29 9.85
CA THR A 188 10.18 -18.59 8.96
C THR A 188 10.61 -18.61 7.50
N SER A 189 10.16 -19.63 6.77
CA SER A 189 10.39 -19.74 5.33
C SER A 189 9.10 -19.12 4.74
N ILE A 190 9.19 -18.39 3.64
CA ILE A 190 7.97 -17.80 3.09
C ILE A 190 7.71 -18.28 1.68
N TYR A 191 6.48 -18.71 1.44
CA TYR A 191 6.07 -19.20 0.14
C TYR A 191 4.67 -18.70 -0.16
N SER A 192 4.52 -17.83 -1.16
CA SER A 192 3.19 -17.33 -1.52
C SER A 192 2.86 -17.68 -2.98
N PHE A 193 1.57 -17.74 -3.28
CA PHE A 193 1.11 -18.05 -4.62
C PHE A 193 -0.26 -17.43 -4.69
N ASP A 194 -0.79 -17.26 -5.89
CA ASP A 194 -2.12 -16.68 -6.08
C ASP A 194 -3.10 -17.81 -6.39
N GLU A 195 -3.94 -18.16 -5.43
CA GLU A 195 -4.89 -19.25 -5.59
C GLU A 195 -6.00 -19.01 -6.62
N THR A 196 -6.03 -17.84 -7.25
CA THR A 196 -7.06 -17.58 -8.25
C THR A 196 -6.48 -17.89 -9.62
N LYS A 197 -5.18 -18.13 -9.65
CA LYS A 197 -4.51 -18.49 -10.89
C LYS A 197 -4.35 -20.02 -10.91
N ASP A 198 -3.83 -20.54 -12.02
CA ASP A 198 -3.63 -21.98 -12.13
C ASP A 198 -2.61 -22.39 -11.09
N LEU A 199 -2.93 -23.38 -10.28
CA LEU A 199 -2.01 -23.83 -9.23
C LEU A 199 -1.10 -24.98 -9.61
N ASP A 200 0.16 -24.89 -9.20
CA ASP A 200 1.09 -25.99 -9.41
C ASP A 200 1.21 -26.62 -8.03
N LEU A 201 0.21 -27.43 -7.66
CA LEU A 201 0.18 -28.08 -6.36
C LEU A 201 1.45 -28.84 -6.01
N GLU A 202 2.15 -29.35 -7.02
CA GLU A 202 3.37 -30.09 -6.75
C GLU A 202 4.55 -29.18 -6.40
N ASP A 203 4.59 -27.97 -6.96
CA ASP A 203 5.68 -27.06 -6.62
C ASP A 203 5.49 -26.58 -5.16
N ILE A 204 4.24 -26.38 -4.76
CA ILE A 204 3.95 -25.96 -3.39
C ILE A 204 4.44 -27.06 -2.45
N VAL A 205 3.88 -28.25 -2.59
CA VAL A 205 4.28 -29.36 -1.74
C VAL A 205 5.79 -29.66 -1.75
N ARG A 206 6.43 -29.47 -2.89
CA ARG A 206 7.88 -29.72 -2.97
C ARG A 206 8.69 -28.68 -2.21
N ASN A 207 8.21 -27.45 -2.20
CA ASN A 207 8.87 -26.39 -1.46
C ASN A 207 8.70 -26.64 0.03
N ILE A 208 7.54 -27.17 0.41
CA ILE A 208 7.28 -27.47 1.81
C ILE A 208 8.20 -28.58 2.29
N GLN A 209 8.41 -29.61 1.47
CA GLN A 209 9.27 -30.70 1.91
C GLN A 209 10.76 -30.34 1.90
N ALA A 210 11.10 -29.23 1.25
CA ALA A 210 12.48 -28.80 1.21
C ALA A 210 12.74 -27.77 2.28
N SER A 211 11.69 -27.23 2.87
CA SER A 211 11.88 -26.18 3.86
C SER A 211 11.68 -26.48 5.35
N GLU A 212 10.46 -26.80 5.76
CA GLU A 212 10.20 -27.04 7.17
C GLU A 212 9.23 -28.19 7.43
N ARG A 213 9.13 -28.60 8.69
CA ARG A 213 8.22 -29.69 9.05
C ARG A 213 6.93 -29.16 9.70
N VAL A 214 6.97 -27.92 10.20
CA VAL A 214 5.75 -27.35 10.77
C VAL A 214 5.38 -26.29 9.74
N VAL A 215 4.18 -26.43 9.19
CA VAL A 215 3.68 -25.57 8.13
C VAL A 215 2.42 -24.82 8.59
N ILE A 216 2.46 -23.49 8.44
CA ILE A 216 1.32 -22.66 8.80
C ILE A 216 0.81 -22.12 7.47
N MET A 217 -0.40 -22.49 7.10
CA MET A 217 -0.99 -22.09 5.82
C MET A 217 -2.26 -21.27 5.98
N CYS A 218 -2.62 -20.54 4.93
CA CYS A 218 -3.84 -19.76 4.89
C CYS A 218 -4.20 -19.62 3.41
N ALA A 219 -5.40 -20.09 3.06
CA ALA A 219 -5.91 -20.03 1.69
C ALA A 219 -7.35 -20.49 1.82
N SER A 220 -8.08 -20.56 0.72
CA SER A 220 -9.48 -21.00 0.77
C SER A 220 -9.53 -22.44 1.27
N SER A 221 -10.67 -22.83 1.80
CA SER A 221 -10.82 -24.18 2.30
C SER A 221 -10.56 -25.21 1.19
N ASP A 222 -10.89 -24.88 -0.05
CA ASP A 222 -10.66 -25.81 -1.15
C ASP A 222 -9.22 -25.84 -1.60
N THR A 223 -8.53 -24.72 -1.53
CA THR A 223 -7.14 -24.72 -1.93
C THR A 223 -6.35 -25.56 -0.90
N ILE A 224 -6.68 -25.40 0.38
CA ILE A 224 -6.01 -26.14 1.43
C ILE A 224 -6.29 -27.64 1.24
N ARG A 225 -7.54 -27.99 0.88
CA ARG A 225 -7.88 -29.39 0.66
C ARG A 225 -7.03 -29.98 -0.45
N SER A 226 -6.87 -29.24 -1.55
CA SER A 226 -6.06 -29.66 -2.68
C SER A 226 -4.61 -29.86 -2.28
N ILE A 227 -4.12 -28.95 -1.45
CA ILE A 227 -2.74 -29.05 -1.02
C ILE A 227 -2.59 -30.27 -0.13
N MET A 228 -3.55 -30.50 0.76
CA MET A 228 -3.48 -31.64 1.65
C MET A 228 -3.59 -32.98 0.90
N LEU A 229 -4.35 -33.02 -0.19
CA LEU A 229 -4.52 -34.26 -0.93
C LEU A 229 -3.25 -34.61 -1.65
N VAL A 230 -2.54 -33.57 -2.09
CA VAL A 230 -1.29 -33.75 -2.79
C VAL A 230 -0.16 -34.06 -1.81
N ALA A 231 -0.24 -33.54 -0.60
CA ALA A 231 0.79 -33.83 0.41
C ALA A 231 0.61 -35.32 0.79
N HIS A 232 -0.64 -35.75 0.78
CA HIS A 232 -1.03 -37.12 1.11
C HIS A 232 -0.41 -38.14 0.14
N ARG A 233 -0.32 -37.77 -1.13
CA ARG A 233 0.26 -38.69 -2.10
C ARG A 233 1.77 -38.68 -2.01
N HIS A 234 2.32 -37.66 -1.36
CA HIS A 234 3.77 -37.56 -1.21
C HIS A 234 4.17 -38.12 0.14
N GLY A 235 3.20 -38.75 0.81
CA GLY A 235 3.45 -39.35 2.11
C GLY A 235 3.84 -38.37 3.21
N MET A 236 3.26 -37.18 3.18
CA MET A 236 3.54 -36.13 4.15
C MET A 236 2.49 -36.00 5.25
N THR A 237 1.46 -36.82 5.19
CA THR A 237 0.37 -36.76 6.15
C THR A 237 0.31 -37.85 7.21
N SER A 238 1.42 -38.51 7.52
CA SER A 238 1.35 -39.56 8.53
C SER A 238 2.16 -39.23 9.77
N GLY A 239 2.61 -38.00 9.91
CA GLY A 239 3.35 -37.65 11.10
C GLY A 239 4.64 -36.90 10.90
N ASP A 240 5.18 -36.92 9.69
CA ASP A 240 6.43 -36.22 9.40
C ASP A 240 6.26 -34.69 9.43
N TYR A 241 5.04 -34.22 9.15
CA TYR A 241 4.78 -32.78 9.14
C TYR A 241 3.61 -32.41 10.04
N ALA A 242 3.59 -31.18 10.51
CA ALA A 242 2.47 -30.70 11.32
C ALA A 242 1.91 -29.53 10.52
N PHE A 243 0.72 -29.72 9.94
CA PHE A 243 0.10 -28.67 9.15
C PHE A 243 -0.89 -27.87 10.02
N PHE A 244 -0.98 -26.58 9.76
CA PHE A 244 -1.95 -25.72 10.44
C PHE A 244 -2.57 -24.88 9.34
N ASN A 245 -3.87 -24.61 9.44
CA ASN A 245 -4.49 -23.71 8.47
C ASN A 245 -5.29 -22.75 9.33
N ILE A 246 -5.52 -21.54 8.85
CA ILE A 246 -6.17 -20.55 9.66
C ILE A 246 -7.53 -20.19 9.09
N GLU A 247 -8.57 -20.39 9.89
CA GLU A 247 -9.96 -20.12 9.48
C GLU A 247 -10.64 -19.45 10.63
N LEU A 248 -10.25 -18.20 10.87
CA LEU A 248 -10.77 -17.42 11.97
C LEU A 248 -12.26 -17.11 11.95
N PHE A 249 -12.81 -16.90 10.77
CA PHE A 249 -14.21 -16.49 10.66
C PHE A 249 -15.31 -17.47 10.27
N ASN A 250 -14.94 -18.63 9.72
CA ASN A 250 -15.94 -19.62 9.37
C ASN A 250 -15.41 -21.05 9.53
N SER A 251 -15.33 -21.52 10.78
CA SER A 251 -14.84 -22.87 11.07
C SER A 251 -15.81 -23.70 11.87
N SER A 252 -17.06 -23.76 11.40
CA SER A 252 -18.09 -24.54 12.09
C SER A 252 -18.31 -25.88 11.42
N SER A 253 -17.64 -26.11 10.29
CA SER A 253 -17.79 -27.36 9.58
C SER A 253 -17.14 -28.49 10.37
N TYR A 254 -16.18 -28.15 11.21
CA TYR A 254 -15.49 -29.16 12.01
C TYR A 254 -16.51 -29.88 12.90
N GLY A 255 -16.05 -30.87 13.64
CA GLY A 255 -16.96 -31.63 14.49
C GLY A 255 -17.68 -32.59 13.57
N ASP A 256 -18.10 -32.07 12.41
CA ASP A 256 -18.79 -32.86 11.41
C ASP A 256 -17.77 -33.35 10.38
N GLY A 257 -16.73 -32.54 10.14
CA GLY A 257 -15.70 -32.92 9.18
C GLY A 257 -15.38 -31.88 8.11
N SER A 258 -14.36 -31.06 8.36
CA SER A 258 -13.95 -30.02 7.41
C SER A 258 -13.36 -30.60 6.14
N TRP A 259 -13.07 -31.90 6.18
CA TRP A 259 -12.54 -32.58 5.01
C TRP A 259 -13.66 -33.02 4.08
N LYS A 260 -14.81 -33.33 4.67
CA LYS A 260 -15.99 -33.81 3.95
C LYS A 260 -16.48 -32.86 2.86
N ARG A 261 -16.73 -33.40 1.67
CA ARG A 261 -17.22 -32.64 0.53
C ARG A 261 -18.16 -33.47 -0.35
N GLY A 262 -18.60 -34.64 0.15
CA GLY A 262 -19.46 -35.51 -0.64
C GLY A 262 -18.84 -35.67 -2.01
N ASP A 263 -17.51 -35.74 -2.00
CA ASP A 263 -16.71 -35.84 -3.22
C ASP A 263 -16.14 -37.24 -3.36
N LYS A 264 -15.45 -37.50 -4.47
CA LYS A 264 -14.82 -38.79 -4.72
C LYS A 264 -13.38 -38.81 -4.18
N HIS A 265 -13.04 -37.76 -3.43
CA HIS A 265 -11.72 -37.65 -2.82
C HIS A 265 -11.91 -37.58 -1.30
N ASP A 266 -13.16 -37.69 -0.88
CA ASP A 266 -13.53 -37.64 0.54
C ASP A 266 -12.76 -38.52 1.51
N PHE A 267 -12.51 -39.78 1.13
CA PHE A 267 -11.79 -40.69 2.01
C PHE A 267 -10.34 -40.29 2.18
N GLU A 268 -9.68 -39.97 1.08
CA GLU A 268 -8.27 -39.56 1.14
C GLU A 268 -8.16 -38.26 1.95
N ALA A 269 -9.06 -37.32 1.67
CA ALA A 269 -9.06 -36.05 2.37
C ALA A 269 -9.14 -36.29 3.88
N LYS A 270 -10.04 -37.19 4.29
CA LYS A 270 -10.18 -37.49 5.71
C LYS A 270 -8.89 -38.02 6.31
N GLN A 271 -8.14 -38.79 5.53
CA GLN A 271 -6.88 -39.31 6.05
C GLN A 271 -5.85 -38.18 6.07
N ALA A 272 -5.75 -37.47 4.94
CA ALA A 272 -4.82 -36.35 4.80
C ALA A 272 -4.97 -35.39 5.98
N TYR A 273 -6.22 -35.05 6.30
CA TYR A 273 -6.50 -34.12 7.39
C TYR A 273 -6.18 -34.57 8.79
N SER A 274 -5.69 -35.79 8.96
CA SER A 274 -5.34 -36.23 10.30
C SER A 274 -4.08 -35.49 10.77
N SER A 275 -3.33 -34.93 9.84
CA SER A 275 -2.12 -34.19 10.19
C SER A 275 -2.35 -32.66 10.23
N LEU A 276 -3.59 -32.25 9.96
CA LEU A 276 -3.96 -30.83 9.95
C LEU A 276 -4.71 -30.32 11.18
N GLN A 277 -4.28 -29.18 11.70
CA GLN A 277 -4.96 -28.57 12.84
C GLN A 277 -5.43 -27.22 12.32
N THR A 278 -6.59 -26.79 12.79
CA THR A 278 -7.15 -25.54 12.30
C THR A 278 -7.29 -24.50 13.40
N VAL A 279 -6.77 -23.30 13.14
CA VAL A 279 -6.87 -22.24 14.12
C VAL A 279 -8.07 -21.35 13.80
N THR A 280 -8.85 -21.06 14.84
CA THR A 280 -10.03 -20.24 14.70
C THR A 280 -10.27 -19.46 15.98
N LEU A 281 -11.31 -18.62 15.98
CA LEU A 281 -11.64 -17.82 17.15
C LEU A 281 -12.37 -18.67 18.20
N LEU A 282 -12.04 -18.45 19.47
CA LEU A 282 -12.73 -19.18 20.54
C LEU A 282 -14.00 -18.39 20.71
N ARG A 283 -15.15 -18.99 20.44
CA ARG A 283 -16.35 -18.19 20.62
C ARG A 283 -17.25 -18.67 21.76
N THR A 284 -17.51 -17.74 22.67
CA THR A 284 -18.33 -17.97 23.85
C THR A 284 -19.81 -17.71 23.59
N VAL A 285 -20.65 -18.21 24.49
CA VAL A 285 -22.09 -18.03 24.36
C VAL A 285 -22.81 -17.75 25.69
N LYS A 286 -23.95 -17.10 25.58
CA LYS A 286 -24.81 -16.76 26.70
C LYS A 286 -26.21 -16.86 26.13
N PRO A 287 -27.23 -16.83 27.01
CA PRO A 287 -28.58 -16.91 26.44
C PRO A 287 -28.81 -15.64 25.62
N GLU A 288 -28.23 -14.53 26.07
CA GLU A 288 -28.35 -13.25 25.39
C GLU A 288 -27.80 -13.38 23.97
N PHE A 289 -26.58 -13.90 23.86
CA PHE A 289 -25.97 -14.06 22.54
C PHE A 289 -26.83 -14.93 21.66
N GLU A 290 -27.38 -15.99 22.25
CA GLU A 290 -28.24 -16.90 21.52
C GLU A 290 -29.44 -16.18 20.93
N LYS A 291 -30.10 -15.36 21.75
CA LYS A 291 -31.25 -14.61 21.27
C LYS A 291 -30.78 -13.62 20.18
N PHE A 292 -29.69 -12.93 20.47
CA PHE A 292 -29.09 -11.95 19.56
C PHE A 292 -28.94 -12.56 18.16
N SER A 293 -28.39 -13.76 18.11
CA SER A 293 -28.18 -14.46 16.84
C SER A 293 -29.50 -14.72 16.12
N MET A 294 -30.46 -15.30 16.84
CA MET A 294 -31.74 -15.62 16.23
C MET A 294 -32.40 -14.42 15.55
N GLU A 295 -32.46 -13.29 16.25
CA GLU A 295 -33.05 -12.08 15.69
C GLU A 295 -32.27 -11.59 14.47
N VAL A 296 -30.95 -11.57 14.60
CA VAL A 296 -30.10 -11.13 13.51
C VAL A 296 -30.32 -12.06 12.32
N LYS A 297 -30.29 -13.36 12.61
CA LYS A 297 -30.48 -14.36 11.56
C LYS A 297 -31.82 -14.22 10.86
N SER A 298 -32.88 -13.99 11.63
CA SER A 298 -34.20 -13.83 11.05
C SER A 298 -34.23 -12.64 10.11
N SER A 299 -33.77 -11.49 10.60
CA SER A 299 -33.73 -10.26 9.81
C SER A 299 -32.98 -10.47 8.49
N VAL A 300 -31.82 -11.12 8.57
CA VAL A 300 -31.01 -11.39 7.40
C VAL A 300 -31.68 -12.39 6.49
N GLU A 301 -32.40 -13.33 7.08
CA GLU A 301 -33.10 -14.37 6.32
C GLU A 301 -34.25 -13.84 5.47
N LYS A 302 -35.11 -13.02 6.08
CA LYS A 302 -36.24 -12.48 5.34
C LYS A 302 -35.74 -11.33 4.47
N GLN A 303 -34.43 -11.19 4.43
CA GLN A 303 -33.78 -10.17 3.64
C GLN A 303 -33.24 -10.85 2.39
N GLY A 304 -33.31 -12.19 2.40
CA GLY A 304 -32.87 -12.98 1.27
C GLY A 304 -31.51 -13.62 1.39
N LEU A 305 -30.94 -13.64 2.58
CA LEU A 305 -29.60 -14.23 2.76
C LEU A 305 -29.55 -15.43 3.68
N ASN A 306 -28.57 -16.29 3.46
CA ASN A 306 -28.37 -17.47 4.29
C ASN A 306 -27.48 -16.91 5.39
N MET A 307 -27.14 -17.73 6.38
CA MET A 307 -26.28 -17.23 7.44
C MET A 307 -25.85 -18.32 8.40
N GLU A 308 -24.65 -18.15 8.95
CA GLU A 308 -24.11 -19.08 9.91
C GLU A 308 -25.14 -19.20 11.03
N ASP A 309 -25.05 -20.23 11.85
CA ASP A 309 -26.02 -20.40 12.92
C ASP A 309 -25.74 -19.50 14.12
N TYR A 310 -24.48 -19.11 14.28
CA TYR A 310 -24.08 -18.20 15.34
C TYR A 310 -23.37 -17.05 14.61
N VAL A 311 -24.03 -15.89 14.51
CA VAL A 311 -23.47 -14.73 13.81
C VAL A 311 -21.94 -14.67 13.88
N ASN A 312 -21.33 -14.35 12.74
CA ASN A 312 -19.87 -14.27 12.67
C ASN A 312 -19.32 -13.17 13.55
N MET A 313 -18.01 -13.19 13.76
CA MET A 313 -17.31 -12.20 14.60
C MET A 313 -17.48 -10.74 14.16
N PHE A 314 -17.57 -10.51 12.85
CA PHE A 314 -17.73 -9.13 12.37
C PHE A 314 -19.05 -8.56 12.87
N VAL A 315 -20.11 -9.36 12.77
CA VAL A 315 -21.44 -8.97 13.21
C VAL A 315 -21.46 -8.77 14.72
N GLU A 316 -20.88 -9.71 15.45
CA GLU A 316 -20.81 -9.61 16.90
C GLU A 316 -19.96 -8.39 17.27
N GLY A 317 -18.84 -8.25 16.57
CA GLY A 317 -17.94 -7.14 16.82
C GLY A 317 -18.59 -5.78 16.71
N PHE A 318 -19.34 -5.57 15.63
CA PHE A 318 -19.99 -4.29 15.41
C PHE A 318 -21.09 -4.00 16.41
N HIS A 319 -21.75 -5.05 16.89
CA HIS A 319 -22.76 -4.87 17.91
C HIS A 319 -22.03 -4.28 19.13
N ASP A 320 -20.94 -4.92 19.53
CA ASP A 320 -20.15 -4.47 20.68
C ASP A 320 -19.48 -3.12 20.45
N ALA A 321 -19.29 -2.74 19.19
CA ALA A 321 -18.66 -1.46 18.91
C ALA A 321 -19.59 -0.33 19.32
N ILE A 322 -20.89 -0.54 19.23
CA ILE A 322 -21.79 0.53 19.64
C ILE A 322 -21.83 0.65 21.16
N LEU A 323 -21.88 -0.49 21.86
CA LEU A 323 -21.88 -0.48 23.33
C LEU A 323 -20.60 0.21 23.81
N LEU A 324 -19.48 -0.08 23.16
CA LEU A 324 -18.21 0.53 23.54
C LEU A 324 -18.17 2.03 23.25
N TYR A 325 -18.73 2.45 22.12
CA TYR A 325 -18.74 3.87 21.81
C TYR A 325 -19.57 4.62 22.87
N VAL A 326 -20.79 4.14 23.11
CA VAL A 326 -21.69 4.74 24.08
C VAL A 326 -21.03 4.77 25.46
N LEU A 327 -20.33 3.71 25.80
CA LEU A 327 -19.67 3.62 27.09
C LEU A 327 -18.70 4.79 27.20
N ALA A 328 -17.84 4.94 26.20
CA ALA A 328 -16.84 6.00 26.19
C ALA A 328 -17.41 7.41 26.09
N LEU A 329 -18.46 7.58 25.28
CA LEU A 329 -19.10 8.87 25.09
C LEU A 329 -19.74 9.33 26.39
N HIS A 330 -20.34 8.37 27.10
CA HIS A 330 -20.99 8.66 28.37
C HIS A 330 -19.99 9.19 29.37
N GLU A 331 -18.79 8.61 29.36
CA GLU A 331 -17.76 9.04 30.29
C GLU A 331 -17.15 10.39 29.90
N VAL A 332 -16.96 10.60 28.60
CA VAL A 332 -16.39 11.86 28.15
C VAL A 332 -17.39 12.99 28.41
N LEU A 333 -18.67 12.70 28.23
CA LEU A 333 -19.72 13.69 28.45
C LEU A 333 -19.75 14.10 29.93
N ARG A 334 -19.78 13.10 30.81
CA ARG A 334 -19.81 13.34 32.26
C ARG A 334 -18.57 14.11 32.70
N ALA A 335 -17.48 13.99 31.94
CA ALA A 335 -16.24 14.68 32.27
C ALA A 335 -16.24 16.12 31.77
N GLY A 336 -17.31 16.52 31.08
CA GLY A 336 -17.38 17.88 30.59
C GLY A 336 -16.83 18.12 29.19
N TYR A 337 -16.75 17.07 28.38
CA TYR A 337 -16.28 17.24 27.01
C TYR A 337 -17.42 16.92 26.08
N SER A 338 -17.20 17.04 24.78
CA SER A 338 -18.26 16.77 23.83
C SER A 338 -17.97 15.58 22.96
N LYS A 339 -18.96 15.21 22.15
CA LYS A 339 -18.84 14.11 21.24
C LYS A 339 -17.83 14.46 20.16
N LYS A 340 -17.48 15.74 20.06
CA LYS A 340 -16.52 16.17 19.06
C LYS A 340 -15.07 15.95 19.50
N ASP A 341 -14.85 15.69 20.79
CA ASP A 341 -13.51 15.41 21.29
C ASP A 341 -13.25 13.93 21.01
N GLY A 342 -13.04 13.62 19.73
CA GLY A 342 -12.80 12.27 19.27
C GLY A 342 -11.64 11.54 19.92
N GLY A 343 -10.54 12.25 20.13
CA GLY A 343 -9.38 11.67 20.75
C GLY A 343 -9.69 11.19 22.16
N LYS A 344 -10.48 11.98 22.89
CA LYS A 344 -10.86 11.59 24.25
C LYS A 344 -11.80 10.40 24.22
N ILE A 345 -12.68 10.36 23.23
CA ILE A 345 -13.62 9.26 23.10
C ILE A 345 -12.79 8.01 22.79
N ILE A 346 -11.86 8.12 21.86
CA ILE A 346 -11.03 6.98 21.50
C ILE A 346 -10.23 6.48 22.69
N GLN A 347 -9.57 7.39 23.41
CA GLN A 347 -8.79 6.96 24.56
C GLN A 347 -9.66 6.29 25.61
N GLN A 348 -10.93 6.70 25.70
CA GLN A 348 -11.82 6.08 26.68
C GLN A 348 -12.19 4.66 26.30
N THR A 349 -12.17 4.35 25.00
CA THR A 349 -12.49 3.00 24.55
C THR A 349 -11.32 2.02 24.76
N TRP A 350 -10.13 2.53 25.04
CA TRP A 350 -8.94 1.70 25.24
C TRP A 350 -8.70 1.28 26.69
N ASN A 351 -7.87 0.26 26.85
CA ASN A 351 -7.49 -0.26 28.15
C ASN A 351 -8.67 -0.44 29.09
N ARG A 352 -9.60 -1.31 28.72
CA ARG A 352 -10.75 -1.56 29.57
C ARG A 352 -11.49 -2.82 29.20
N THR A 353 -12.22 -3.35 30.16
CA THR A 353 -13.01 -4.55 29.94
C THR A 353 -14.48 -4.19 30.14
N PHE A 354 -15.33 -4.64 29.23
CA PHE A 354 -16.75 -4.36 29.35
C PHE A 354 -17.53 -5.61 28.94
N GLU A 355 -18.84 -5.60 29.16
CA GLU A 355 -19.69 -6.73 28.83
C GLU A 355 -20.30 -6.63 27.44
N GLY A 356 -19.83 -7.48 26.53
CA GLY A 356 -20.36 -7.49 25.19
C GLY A 356 -21.47 -8.51 25.08
N ILE A 357 -22.03 -8.63 23.88
CA ILE A 357 -23.13 -9.55 23.62
C ILE A 357 -22.84 -11.04 23.81
N ALA A 358 -21.57 -11.44 23.80
CA ALA A 358 -21.21 -12.84 23.97
C ALA A 358 -20.36 -13.06 25.20
N GLY A 359 -20.18 -12.01 25.98
CA GLY A 359 -19.37 -12.14 27.19
C GLY A 359 -18.46 -10.96 27.36
N GLN A 360 -17.39 -11.16 28.12
CA GLN A 360 -16.42 -10.12 28.39
C GLN A 360 -15.66 -9.72 27.13
N VAL A 361 -15.31 -8.44 27.05
CA VAL A 361 -14.54 -7.93 25.94
C VAL A 361 -13.47 -7.03 26.53
N SER A 362 -12.21 -7.28 26.18
CA SER A 362 -11.14 -6.46 26.73
C SER A 362 -10.37 -5.82 25.59
N ILE A 363 -10.22 -4.50 25.66
CA ILE A 363 -9.47 -3.78 24.66
C ILE A 363 -8.15 -3.49 25.36
N ASP A 364 -7.04 -3.77 24.67
CA ASP A 364 -5.73 -3.54 25.28
C ASP A 364 -5.39 -2.06 25.32
N ALA A 365 -4.21 -1.74 25.84
CA ALA A 365 -3.76 -0.37 25.99
C ALA A 365 -3.40 0.32 24.67
N ASN A 366 -3.43 -0.43 23.57
CA ASN A 366 -3.11 0.17 22.28
C ASN A 366 -4.40 0.32 21.46
N GLY A 367 -5.53 0.06 22.12
CA GLY A 367 -6.82 0.17 21.48
C GLY A 367 -7.21 -1.02 20.60
N ASP A 368 -6.60 -2.17 20.89
CA ASP A 368 -6.84 -3.40 20.14
C ASP A 368 -7.43 -4.48 21.04
N ARG A 369 -8.54 -5.07 20.60
CA ARG A 369 -9.16 -6.12 21.40
C ARG A 369 -8.30 -7.37 21.55
N TYR A 370 -8.26 -7.94 22.77
CA TYR A 370 -7.52 -9.18 23.02
C TYR A 370 -8.33 -10.30 22.36
N GLY A 371 -7.66 -11.23 21.70
CA GLY A 371 -8.41 -12.31 21.08
C GLY A 371 -8.20 -13.63 21.80
N ASP A 372 -9.22 -14.48 21.79
CA ASP A 372 -9.10 -15.80 22.38
C ASP A 372 -9.23 -16.71 21.19
N PHE A 373 -8.37 -17.73 21.12
CA PHE A 373 -8.38 -18.64 20.00
C PHE A 373 -8.46 -20.11 20.38
N SER A 374 -8.96 -20.93 19.47
CA SER A 374 -9.04 -22.38 19.70
C SER A 374 -8.32 -23.12 18.58
N VAL A 375 -7.81 -24.32 18.91
CA VAL A 375 -7.13 -25.17 17.93
C VAL A 375 -7.98 -26.43 17.67
N ILE A 376 -8.34 -26.65 16.42
CA ILE A 376 -9.14 -27.81 16.02
C ILE A 376 -8.25 -28.91 15.43
N ALA A 377 -8.38 -30.13 15.94
CA ALA A 377 -7.56 -31.24 15.43
C ALA A 377 -8.44 -32.46 15.27
N MET A 378 -7.99 -33.42 14.45
CA MET A 378 -8.75 -34.66 14.27
C MET A 378 -8.45 -35.53 15.49
N THR A 379 -9.46 -35.74 16.34
CA THR A 379 -9.33 -36.53 17.56
C THR A 379 -9.58 -38.02 17.37
N ASP A 380 -10.19 -38.38 16.25
CA ASP A 380 -10.45 -39.78 15.95
C ASP A 380 -10.37 -39.92 14.45
N VAL A 381 -9.24 -40.46 13.98
CA VAL A 381 -8.98 -40.65 12.56
C VAL A 381 -9.89 -41.62 11.84
N GLU A 382 -10.44 -42.61 12.55
CA GLU A 382 -11.34 -43.57 11.92
C GLU A 382 -12.56 -42.81 11.41
N ALA A 383 -13.25 -42.17 12.35
CA ALA A 383 -14.45 -41.41 12.04
C ALA A 383 -14.17 -40.11 11.28
N GLY A 384 -13.05 -39.48 11.59
CA GLY A 384 -12.72 -38.22 10.94
C GLY A 384 -13.25 -37.09 11.78
N THR A 385 -13.34 -37.37 13.08
CA THR A 385 -13.85 -36.44 14.09
C THR A 385 -12.87 -35.35 14.47
N GLN A 386 -13.33 -34.09 14.37
CA GLN A 386 -12.51 -32.93 14.70
C GLN A 386 -13.11 -32.20 15.89
N GLU A 387 -12.28 -31.92 16.88
CA GLU A 387 -12.70 -31.20 18.09
C GLU A 387 -11.64 -30.20 18.47
N VAL A 388 -11.95 -29.34 19.44
CA VAL A 388 -11.02 -28.34 19.94
C VAL A 388 -10.14 -29.02 20.99
N ILE A 389 -8.83 -28.98 20.82
CA ILE A 389 -7.90 -29.62 21.77
C ILE A 389 -7.24 -28.63 22.71
N GLY A 390 -7.29 -27.35 22.36
CA GLY A 390 -6.68 -26.34 23.20
C GLY A 390 -7.09 -24.91 22.87
N ASP A 391 -6.97 -24.03 23.86
CA ASP A 391 -7.35 -22.64 23.68
C ASP A 391 -6.26 -21.71 24.10
N TYR A 392 -6.37 -20.48 23.63
CA TYR A 392 -5.42 -19.46 24.02
C TYR A 392 -6.29 -18.28 24.42
N PHE A 393 -6.01 -17.72 25.59
CA PHE A 393 -6.75 -16.56 26.10
C PHE A 393 -5.76 -15.42 26.00
N GLY A 394 -6.07 -14.51 25.10
CA GLY A 394 -5.20 -13.38 24.84
C GLY A 394 -4.79 -12.48 25.99
N LYS A 395 -5.76 -12.02 26.77
CA LYS A 395 -5.46 -11.13 27.87
C LYS A 395 -4.53 -11.83 28.85
N GLU A 396 -4.85 -13.08 29.19
CA GLU A 396 -4.02 -13.86 30.12
C GLU A 396 -2.69 -14.23 29.47
N GLY A 397 -2.70 -14.34 28.14
CA GLY A 397 -1.50 -14.67 27.40
C GLY A 397 -1.05 -16.10 27.68
N ARG A 398 -2.02 -16.97 27.92
CA ARG A 398 -1.68 -18.33 28.20
C ARG A 398 -2.42 -19.33 27.31
N PHE A 399 -1.69 -20.33 26.85
CA PHE A 399 -2.23 -21.39 26.01
C PHE A 399 -2.39 -22.62 26.89
N GLU A 400 -3.51 -23.33 26.75
CA GLU A 400 -3.69 -24.53 27.56
C GLU A 400 -4.45 -25.59 26.81
N MET A 401 -3.87 -26.79 26.75
CA MET A 401 -4.51 -27.92 26.09
C MET A 401 -5.71 -28.24 26.95
N ARG A 402 -6.82 -28.65 26.33
CA ARG A 402 -8.01 -28.98 27.11
C ARG A 402 -7.85 -30.37 27.74
N PRO A 403 -8.41 -30.56 28.94
CA PRO A 403 -8.31 -31.86 29.61
C PRO A 403 -8.94 -32.98 28.78
N ALA B 4 -15.31 37.05 -27.40
CA ALA B 4 -16.32 35.97 -27.55
C ALA B 4 -16.39 35.12 -26.28
N LEU B 5 -15.24 34.86 -25.68
CA LEU B 5 -15.20 34.06 -24.45
C LEU B 5 -14.61 34.94 -23.33
N PRO B 6 -15.24 34.91 -22.15
CA PRO B 6 -14.78 35.71 -21.01
C PRO B 6 -13.50 35.22 -20.38
N PRO B 7 -12.92 36.02 -19.46
CA PRO B 7 -11.68 35.62 -18.80
C PRO B 7 -11.90 34.31 -18.04
N GLN B 8 -10.88 33.45 -18.05
CA GLN B 8 -10.96 32.19 -17.36
C GLN B 8 -10.18 32.32 -16.04
N LYS B 9 -10.77 31.83 -14.96
CA LYS B 9 -10.12 31.88 -13.64
C LYS B 9 -9.91 30.42 -13.21
N ILE B 10 -8.68 29.95 -13.35
CA ILE B 10 -8.35 28.58 -13.01
C ILE B 10 -7.64 28.45 -11.68
N GLU B 11 -8.25 27.68 -10.80
CA GLU B 11 -7.71 27.47 -9.48
C GLU B 11 -6.79 26.25 -9.55
N VAL B 12 -5.53 26.45 -9.20
CA VAL B 12 -4.58 25.34 -9.23
C VAL B 12 -4.12 24.99 -7.83
N LEU B 13 -4.09 23.69 -7.56
CA LEU B 13 -3.64 23.21 -6.27
C LEU B 13 -2.33 22.50 -6.53
N VAL B 14 -1.24 22.98 -5.93
CA VAL B 14 0.06 22.33 -6.10
C VAL B 14 0.39 21.64 -4.80
N LEU B 15 0.61 20.33 -4.86
CA LEU B 15 0.94 19.53 -3.67
C LEU B 15 2.36 18.95 -3.79
N LEU B 16 3.30 19.60 -3.12
CA LEU B 16 4.72 19.18 -3.15
C LEU B 16 5.30 19.41 -1.75
N PRO B 17 6.43 18.76 -1.44
CA PRO B 17 7.09 18.89 -0.13
C PRO B 17 7.61 20.29 0.16
N GLN B 18 7.42 20.74 1.40
CA GLN B 18 7.94 22.05 1.78
C GLN B 18 9.44 21.86 2.00
N ASP B 19 9.80 20.67 2.46
CA ASP B 19 11.17 20.30 2.78
C ASP B 19 12.05 20.33 1.53
N ASP B 20 13.05 21.22 1.52
CA ASP B 20 13.93 21.34 0.36
C ASP B 20 14.85 20.14 0.21
N SER B 21 14.72 19.16 1.09
CA SER B 21 15.55 17.95 0.97
C SER B 21 15.18 17.23 -0.31
N TYR B 22 13.94 17.46 -0.77
CA TYR B 22 13.45 16.83 -2.00
C TYR B 22 13.77 17.70 -3.19
N LEU B 23 14.11 17.07 -4.31
CA LEU B 23 14.42 17.78 -5.53
C LEU B 23 13.20 18.42 -6.17
N PHE B 24 12.03 18.11 -5.63
CA PHE B 24 10.81 18.67 -6.20
C PHE B 24 10.01 19.46 -5.14
N SER B 25 10.72 20.02 -4.16
CA SER B 25 10.04 20.77 -3.12
C SER B 25 9.35 22.01 -3.73
N LEU B 26 8.43 22.59 -2.98
CA LEU B 26 7.73 23.78 -3.44
C LEU B 26 8.67 24.89 -3.93
N THR B 27 9.67 25.24 -3.11
CA THR B 27 10.63 26.30 -3.47
C THR B 27 11.32 26.08 -4.81
N ARG B 28 11.75 24.84 -5.09
CA ARG B 28 12.42 24.55 -6.33
C ARG B 28 11.51 24.52 -7.54
N VAL B 29 10.28 24.05 -7.35
CA VAL B 29 9.34 23.92 -8.47
C VAL B 29 8.45 25.13 -8.75
N ARG B 30 8.14 25.91 -7.71
CA ARG B 30 7.28 27.07 -7.90
C ARG B 30 7.76 27.96 -9.06
N PRO B 31 9.04 28.41 -9.01
CA PRO B 31 9.61 29.27 -10.06
C PRO B 31 9.30 28.73 -11.44
N ALA B 32 9.35 27.42 -11.55
CA ALA B 32 9.11 26.76 -12.83
C ALA B 32 7.67 26.92 -13.30
N ILE B 33 6.72 26.82 -12.37
CA ILE B 33 5.30 26.96 -12.71
C ILE B 33 5.05 28.42 -13.05
N GLU B 34 5.57 29.32 -12.22
CA GLU B 34 5.40 30.74 -12.47
C GLU B 34 5.94 31.11 -13.83
N TYR B 35 7.15 30.68 -14.15
CA TYR B 35 7.71 30.99 -15.45
C TYR B 35 6.73 30.58 -16.54
N ALA B 36 6.20 29.36 -16.43
CA ALA B 36 5.25 28.84 -17.41
C ALA B 36 3.97 29.69 -17.45
N LEU B 37 3.52 30.10 -16.28
CA LEU B 37 2.31 30.91 -16.15
C LEU B 37 2.53 32.22 -16.93
N ARG B 38 3.64 32.90 -16.74
CA ARG B 38 3.83 34.11 -17.49
C ARG B 38 3.67 33.78 -18.98
N SER B 39 4.56 32.91 -19.45
CA SER B 39 4.49 32.51 -20.84
C SER B 39 3.07 32.25 -21.33
N VAL B 40 2.22 31.76 -20.43
CA VAL B 40 0.85 31.45 -20.79
C VAL B 40 -0.06 32.67 -20.78
N GLU B 41 0.10 33.50 -19.76
CA GLU B 41 -0.68 34.72 -19.60
C GLU B 41 -0.04 35.86 -20.40
N GLY B 42 -0.08 35.72 -21.72
CA GLY B 42 0.49 36.72 -22.60
C GLY B 42 0.84 36.12 -23.94
N ARG B 48 -1.79 33.58 -27.56
CA ARG B 48 -2.46 33.20 -26.32
C ARG B 48 -3.50 32.14 -26.69
N LEU B 49 -3.44 30.98 -26.06
CA LEU B 49 -4.38 29.91 -26.35
C LEU B 49 -5.67 30.08 -25.56
N LEU B 50 -5.60 30.87 -24.49
CA LEU B 50 -6.76 31.11 -23.65
C LEU B 50 -7.29 32.54 -23.78
N PRO B 51 -8.58 32.60 -23.72
CA PRO B 51 -9.25 33.90 -23.73
C PRO B 51 -8.47 34.90 -22.88
N PRO B 52 -8.20 36.11 -23.41
CA PRO B 52 -7.46 37.10 -22.64
C PRO B 52 -8.14 37.40 -21.31
N GLY B 53 -7.36 37.85 -20.34
CA GLY B 53 -7.90 38.14 -19.03
C GLY B 53 -7.78 36.90 -18.17
N THR B 54 -7.66 35.74 -18.83
CA THR B 54 -7.52 34.46 -18.15
C THR B 54 -6.38 34.52 -17.15
N ARG B 55 -6.66 34.15 -15.91
CA ARG B 55 -5.65 34.17 -14.86
C ARG B 55 -5.71 32.93 -13.95
N PHE B 56 -4.54 32.40 -13.62
CA PHE B 56 -4.46 31.23 -12.76
C PHE B 56 -4.19 31.63 -11.32
N GLN B 57 -4.94 31.06 -10.39
CA GLN B 57 -4.72 31.31 -8.98
C GLN B 57 -4.10 30.00 -8.50
N VAL B 58 -2.87 30.07 -8.01
CA VAL B 58 -2.17 28.86 -7.55
C VAL B 58 -1.94 28.77 -6.06
N ALA B 59 -2.38 27.67 -5.48
CA ALA B 59 -2.18 27.44 -4.06
C ALA B 59 -1.06 26.41 -3.92
N TYR B 60 -0.02 26.76 -3.17
CA TYR B 60 1.11 25.88 -2.95
C TYR B 60 0.97 25.27 -1.57
N GLU B 61 0.72 23.97 -1.51
CA GLU B 61 0.49 23.31 -0.24
C GLU B 61 1.48 22.18 0.05
N ASP B 62 1.92 22.07 1.29
CA ASP B 62 2.88 21.03 1.69
C ASP B 62 2.27 19.63 1.58
N SER B 63 2.91 18.77 0.78
CA SER B 63 2.42 17.40 0.64
C SER B 63 3.04 16.57 1.76
N ASP B 64 4.17 17.05 2.27
CA ASP B 64 4.92 16.36 3.32
C ASP B 64 5.30 14.98 2.79
N CYS B 65 5.25 14.82 1.47
CA CYS B 65 5.54 13.56 0.78
C CYS B 65 4.80 12.44 1.50
N GLY B 66 3.58 12.73 1.89
CA GLY B 66 2.79 11.75 2.62
C GLY B 66 1.29 12.01 2.68
N ASN B 67 0.71 11.72 3.83
CA ASN B 67 -0.72 11.87 4.04
C ASN B 67 -1.24 13.28 3.95
N ARG B 68 -0.38 14.27 4.23
CA ARG B 68 -0.82 15.64 4.22
C ARG B 68 -1.41 16.09 2.88
N ALA B 69 -0.91 15.53 1.78
CA ALA B 69 -1.44 15.90 0.48
C ALA B 69 -2.95 15.61 0.44
N LEU B 70 -3.33 14.43 0.90
CA LEU B 70 -4.73 14.05 0.95
C LEU B 70 -5.52 14.97 1.86
N PHE B 71 -5.02 15.18 3.08
CA PHE B 71 -5.68 16.03 4.06
C PHE B 71 -5.94 17.45 3.52
N SER B 72 -4.97 18.01 2.78
CA SER B 72 -5.11 19.36 2.23
C SER B 72 -6.17 19.45 1.13
N LEU B 73 -6.15 18.50 0.20
CA LEU B 73 -7.13 18.48 -0.88
C LEU B 73 -8.54 18.38 -0.25
N VAL B 74 -8.71 17.44 0.69
CA VAL B 74 -10.01 17.28 1.30
C VAL B 74 -10.43 18.48 2.17
N ASP B 75 -9.52 18.99 2.99
CA ASP B 75 -9.89 20.14 3.81
C ASP B 75 -10.30 21.33 2.93
N ARG B 76 -9.70 21.43 1.76
CA ARG B 76 -10.02 22.52 0.86
C ARG B 76 -11.36 22.31 0.18
N VAL B 77 -11.68 21.08 -0.17
CA VAL B 77 -12.93 20.80 -0.85
C VAL B 77 -14.12 20.58 0.04
N ALA B 78 -13.94 19.84 1.13
CA ALA B 78 -15.05 19.53 2.02
C ALA B 78 -15.27 20.57 3.10
N ALA B 79 -14.53 21.68 3.04
CA ALA B 79 -14.71 22.73 4.03
C ALA B 79 -16.05 23.40 3.70
N ALA B 80 -16.63 24.10 4.66
CA ALA B 80 -17.90 24.78 4.41
C ALA B 80 -17.68 25.80 3.28
N ARG B 81 -16.51 26.44 3.31
CA ARG B 81 -16.12 27.44 2.32
C ARG B 81 -15.39 26.81 1.15
N GLY B 82 -15.46 25.48 1.05
CA GLY B 82 -14.75 24.78 0.00
C GLY B 82 -15.31 24.71 -1.41
N ALA B 83 -14.44 24.29 -2.34
CA ALA B 83 -14.73 24.12 -3.78
C ALA B 83 -13.60 23.29 -4.42
N LYS B 84 -13.88 22.62 -5.52
CA LYS B 84 -12.85 21.79 -6.18
C LYS B 84 -11.90 22.60 -7.04
N PRO B 85 -10.57 22.41 -6.87
CA PRO B 85 -9.61 23.15 -7.69
C PRO B 85 -9.87 22.66 -9.11
N ASP B 86 -9.41 23.41 -10.11
CA ASP B 86 -9.62 23.02 -11.50
C ASP B 86 -8.47 22.15 -12.00
N LEU B 87 -7.31 22.28 -11.35
CA LEU B 87 -6.12 21.54 -11.73
C LEU B 87 -5.33 21.23 -10.48
N ILE B 88 -4.84 20.00 -10.39
CA ILE B 88 -4.02 19.54 -9.27
C ILE B 88 -2.67 19.17 -9.86
N LEU B 89 -1.60 19.68 -9.24
CA LEU B 89 -0.24 19.44 -9.69
C LEU B 89 0.47 18.75 -8.53
N GLY B 90 0.99 17.57 -8.80
CA GLY B 90 1.63 16.80 -7.75
C GLY B 90 0.50 16.04 -7.06
N PRO B 91 0.78 15.24 -6.02
CA PRO B 91 2.09 14.98 -5.41
C PRO B 91 3.02 14.24 -6.35
N VAL B 92 4.27 14.11 -5.89
CA VAL B 92 5.28 13.41 -6.66
C VAL B 92 5.51 12.06 -5.99
N CYS B 93 5.60 12.09 -4.66
CA CYS B 93 5.81 10.88 -3.86
C CYS B 93 4.70 9.88 -4.12
N GLU B 94 5.09 8.64 -4.41
CA GLU B 94 4.13 7.61 -4.75
C GLU B 94 2.99 7.39 -3.77
N TYR B 95 3.27 7.27 -2.47
CA TYR B 95 2.19 7.04 -1.53
C TYR B 95 1.34 8.29 -1.28
N ALA B 96 1.91 9.47 -1.55
CA ALA B 96 1.18 10.73 -1.36
C ALA B 96 0.25 10.92 -2.56
N ALA B 97 0.71 10.48 -3.71
CA ALA B 97 -0.02 10.63 -4.96
C ALA B 97 -1.19 9.68 -5.19
N ALA B 98 -1.05 8.43 -4.75
CA ALA B 98 -2.11 7.46 -5.00
C ALA B 98 -3.50 7.93 -4.53
N PRO B 99 -3.61 8.38 -3.27
CA PRO B 99 -4.91 8.84 -2.74
C PRO B 99 -5.45 10.06 -3.49
N VAL B 100 -4.58 11.03 -3.76
CA VAL B 100 -5.00 12.23 -4.48
C VAL B 100 -5.50 11.89 -5.87
N ALA B 101 -4.79 11.01 -6.58
CA ALA B 101 -5.20 10.57 -7.92
C ALA B 101 -6.56 9.92 -7.89
N ARG B 102 -6.80 9.06 -6.91
CA ARG B 102 -8.11 8.41 -6.77
C ARG B 102 -9.23 9.43 -6.62
N LEU B 103 -9.01 10.42 -5.75
CA LEU B 103 -9.99 11.49 -5.54
C LEU B 103 -10.17 12.35 -6.78
N ALA B 104 -9.06 12.70 -7.43
CA ALA B 104 -9.13 13.53 -8.63
C ALA B 104 -10.00 12.79 -9.66
N SER B 105 -9.85 11.47 -9.70
CA SER B 105 -10.62 10.69 -10.65
C SER B 105 -12.08 10.61 -10.23
N HIS B 106 -12.30 10.50 -8.92
CA HIS B 106 -13.67 10.44 -8.44
C HIS B 106 -14.37 11.78 -8.69
N TRP B 107 -13.65 12.88 -8.50
CA TRP B 107 -14.23 14.20 -8.71
C TRP B 107 -14.08 14.75 -10.13
N ASP B 108 -13.64 13.92 -11.07
CA ASP B 108 -13.47 14.38 -12.44
C ASP B 108 -12.56 15.61 -12.55
N LEU B 109 -11.52 15.66 -11.75
CA LEU B 109 -10.56 16.78 -11.77
C LEU B 109 -9.29 16.26 -12.43
N PRO B 110 -8.68 17.05 -13.34
CA PRO B 110 -7.44 16.63 -14.02
C PRO B 110 -6.26 16.76 -13.07
N MET B 111 -5.40 15.74 -13.06
CA MET B 111 -4.20 15.75 -12.21
C MET B 111 -2.95 15.49 -13.06
N LEU B 112 -1.97 16.39 -12.99
CA LEU B 112 -0.72 16.24 -13.72
C LEU B 112 0.43 16.24 -12.74
N SER B 113 1.38 15.34 -12.94
CA SER B 113 2.53 15.28 -12.05
C SER B 113 3.79 14.88 -12.81
N ALA B 114 4.93 15.26 -12.25
CA ALA B 114 6.24 14.94 -12.81
C ALA B 114 6.75 13.77 -11.97
N GLY B 115 5.88 13.26 -11.10
CA GLY B 115 6.19 12.14 -10.24
C GLY B 115 5.21 10.99 -10.46
N ALA B 116 4.82 10.29 -9.38
CA ALA B 116 3.90 9.14 -9.50
C ALA B 116 4.40 8.15 -10.54
N LEU B 117 5.72 7.96 -10.52
CA LEU B 117 6.44 7.11 -11.44
C LEU B 117 6.28 5.61 -11.28
N ALA B 118 5.61 5.16 -10.22
CA ALA B 118 5.45 3.74 -9.96
C ALA B 118 4.58 3.04 -11.00
N ALA B 119 4.80 1.73 -11.16
CA ALA B 119 4.07 0.90 -12.14
C ALA B 119 2.56 0.84 -11.93
N GLY B 120 2.14 0.87 -10.68
CA GLY B 120 0.72 0.80 -10.37
C GLY B 120 -0.14 1.92 -10.97
N PHE B 121 0.45 3.09 -11.22
CA PHE B 121 -0.30 4.22 -11.79
C PHE B 121 -0.56 4.04 -13.28
N GLN B 122 -0.02 2.96 -13.81
CA GLN B 122 -0.10 2.57 -15.22
C GLN B 122 -1.55 2.23 -15.59
N HIS B 123 -2.20 1.44 -14.75
CA HIS B 123 -3.56 1.00 -15.00
C HIS B 123 -4.50 2.14 -14.76
N LYS B 124 -4.94 2.75 -15.85
CA LYS B 124 -5.82 3.89 -15.74
C LYS B 124 -7.25 3.59 -16.16
N ASP B 125 -7.66 2.33 -16.11
CA ASP B 125 -9.03 2.01 -16.50
C ASP B 125 -10.01 2.54 -15.49
N SER B 126 -9.61 2.58 -14.22
CA SER B 126 -10.52 3.08 -13.20
C SER B 126 -9.98 4.14 -12.26
N GLU B 127 -9.34 3.68 -11.17
CA GLU B 127 -8.87 4.61 -10.16
C GLU B 127 -7.92 5.71 -10.55
N TYR B 128 -7.01 5.44 -11.48
CA TYR B 128 -6.08 6.49 -11.89
C TYR B 128 -6.41 7.06 -13.29
N SER B 129 -7.69 7.09 -13.64
CA SER B 129 -8.11 7.59 -14.96
C SER B 129 -7.85 9.07 -15.22
N HIS B 130 -7.67 9.86 -14.17
CA HIS B 130 -7.43 11.28 -14.41
C HIS B 130 -6.03 11.81 -14.17
N LEU B 131 -5.05 10.93 -14.31
CA LEU B 131 -3.64 11.27 -14.11
C LEU B 131 -2.79 11.14 -15.37
N THR B 132 -2.13 12.24 -15.76
CA THR B 132 -1.20 12.12 -16.87
C THR B 132 0.17 12.41 -16.26
N ARG B 133 1.13 11.56 -16.58
CA ARG B 133 2.48 11.69 -16.05
C ARG B 133 3.35 12.38 -17.07
N VAL B 134 3.89 13.54 -16.72
CA VAL B 134 4.72 14.29 -17.64
C VAL B 134 6.20 13.94 -17.64
N ALA B 135 6.63 13.13 -16.68
CA ALA B 135 8.04 12.71 -16.61
C ALA B 135 8.06 11.22 -16.88
N PRO B 136 9.18 10.65 -17.36
CA PRO B 136 9.25 9.22 -17.64
C PRO B 136 9.06 8.35 -16.42
N ALA B 137 8.07 7.46 -16.46
CA ALA B 137 7.79 6.55 -15.35
C ALA B 137 8.85 5.44 -15.31
N TYR B 138 8.97 4.75 -14.18
CA TYR B 138 9.99 3.71 -14.07
C TYR B 138 9.90 2.58 -15.11
N ALA B 139 8.69 2.30 -15.59
CA ALA B 139 8.52 1.25 -16.59
C ALA B 139 9.23 1.68 -17.88
N LYS B 140 9.24 2.99 -18.16
CA LYS B 140 9.94 3.51 -19.35
C LYS B 140 11.44 3.20 -19.23
N MET B 141 12.00 3.33 -18.01
CA MET B 141 13.41 3.04 -17.76
C MET B 141 13.56 1.52 -17.92
N GLY B 142 12.55 0.78 -17.46
CA GLY B 142 12.56 -0.66 -17.62
C GLY B 142 12.61 -1.05 -19.11
N GLU B 143 11.90 -0.30 -19.96
CA GLU B 143 11.90 -0.60 -21.41
C GLU B 143 13.28 -0.36 -22.00
N MET B 144 13.96 0.65 -21.49
CA MET B 144 15.31 0.95 -21.95
C MET B 144 16.25 -0.20 -21.52
N MET B 145 16.14 -0.64 -20.28
CA MET B 145 17.01 -1.74 -19.85
C MET B 145 16.79 -2.99 -20.70
N LEU B 146 15.54 -3.23 -21.11
CA LEU B 146 15.21 -4.40 -21.92
C LEU B 146 15.92 -4.29 -23.28
N ALA B 147 15.95 -3.08 -23.82
CA ALA B 147 16.62 -2.83 -25.11
C ALA B 147 18.12 -2.96 -24.94
N LEU B 148 18.66 -2.51 -23.81
CA LEU B 148 20.10 -2.62 -23.58
C LEU B 148 20.47 -4.11 -23.47
N PHE B 149 19.65 -4.87 -22.75
CA PHE B 149 19.91 -6.28 -22.60
C PHE B 149 19.85 -7.01 -23.92
N ARG B 150 18.88 -6.64 -24.76
CA ARG B 150 18.74 -7.30 -26.06
C ARG B 150 19.99 -7.02 -26.89
N HIS B 151 20.52 -5.82 -26.74
CA HIS B 151 21.70 -5.42 -27.50
C HIS B 151 22.90 -6.28 -27.18
N HIS B 152 23.03 -6.66 -25.92
CA HIS B 152 24.15 -7.47 -25.46
C HIS B 152 23.87 -8.96 -25.46
N HIS B 153 22.61 -9.33 -25.72
CA HIS B 153 22.19 -10.73 -25.69
C HIS B 153 22.16 -11.26 -24.25
N TRP B 154 21.91 -10.33 -23.32
CA TRP B 154 21.84 -10.70 -21.90
C TRP B 154 20.41 -11.11 -21.64
N SER B 155 20.20 -12.15 -20.84
CA SER B 155 18.85 -12.60 -20.56
C SER B 155 18.52 -12.82 -19.08
N ARG B 156 19.47 -12.53 -18.20
CA ARG B 156 19.30 -12.72 -16.76
C ARG B 156 19.91 -11.56 -15.98
N ALA B 157 19.35 -11.22 -14.83
CA ALA B 157 19.92 -10.12 -14.04
C ALA B 157 19.64 -10.25 -12.56
N ALA B 158 20.49 -9.65 -11.74
CA ALA B 158 20.24 -9.64 -10.29
C ALA B 158 19.77 -8.21 -10.04
N LEU B 159 18.65 -8.06 -9.32
CA LEU B 159 18.12 -6.74 -9.01
C LEU B 159 18.49 -6.60 -7.53
N VAL B 160 19.25 -5.57 -7.22
CA VAL B 160 19.72 -5.39 -5.84
C VAL B 160 19.42 -3.96 -5.49
N TYR B 161 18.51 -3.75 -4.55
CA TYR B 161 18.16 -2.40 -4.21
C TYR B 161 17.85 -2.20 -2.73
N SER B 162 17.90 -0.94 -2.33
CA SER B 162 17.55 -0.59 -0.97
C SER B 162 16.03 -0.35 -0.93
N ASP B 163 15.36 -0.91 0.06
CA ASP B 163 13.92 -0.73 0.23
C ASP B 163 13.73 -0.24 1.67
N ASP B 164 13.51 1.06 1.84
CA ASP B 164 13.33 1.62 3.18
C ASP B 164 11.91 1.48 3.74
N LYS B 165 11.00 0.94 2.94
CA LYS B 165 9.61 0.76 3.36
C LYS B 165 8.85 2.03 3.67
N LEU B 166 9.46 3.16 3.32
CA LEU B 166 8.84 4.43 3.55
C LEU B 166 8.53 5.04 2.19
N GLU B 167 9.46 5.82 1.62
CA GLU B 167 9.23 6.42 0.30
C GLU B 167 9.55 5.40 -0.79
N ARG B 168 10.39 4.44 -0.43
CA ARG B 168 10.76 3.34 -1.30
C ARG B 168 11.17 3.66 -2.74
N ASN B 169 11.87 4.77 -2.98
CA ASN B 169 12.23 5.13 -4.36
C ASN B 169 12.92 4.06 -5.21
N CYS B 170 13.90 3.40 -4.62
CA CYS B 170 14.63 2.37 -5.32
C CYS B 170 13.83 1.10 -5.52
N TYR B 171 12.89 0.82 -4.63
CA TYR B 171 12.03 -0.35 -4.78
C TYR B 171 11.14 -0.10 -6.01
N PHE B 172 10.53 1.08 -6.09
CA PHE B 172 9.65 1.43 -7.22
C PHE B 172 10.44 1.53 -8.53
N THR B 173 11.70 1.96 -8.42
CA THR B 173 12.58 2.10 -9.56
C THR B 173 12.85 0.72 -10.16
N LEU B 174 13.30 -0.23 -9.35
CA LEU B 174 13.59 -1.55 -9.91
C LEU B 174 12.32 -2.32 -10.24
N GLU B 175 11.18 -1.86 -9.70
CA GLU B 175 9.93 -2.52 -10.04
C GLU B 175 9.67 -2.26 -11.53
N GLY B 176 10.10 -1.10 -12.02
CA GLY B 176 9.91 -0.80 -13.42
C GLY B 176 10.64 -1.80 -14.30
N VAL B 177 11.82 -2.21 -13.84
CA VAL B 177 12.62 -3.19 -14.57
C VAL B 177 12.01 -4.56 -14.42
N HIS B 178 11.64 -4.89 -13.18
CA HIS B 178 11.08 -6.19 -12.94
C HIS B 178 9.83 -6.47 -13.81
N GLU B 179 8.90 -5.52 -13.84
CA GLU B 179 7.67 -5.65 -14.62
C GLU B 179 7.96 -5.95 -16.09
N VAL B 180 8.73 -5.08 -16.74
CA VAL B 180 9.09 -5.24 -18.14
C VAL B 180 9.79 -6.59 -18.37
N PHE B 181 10.81 -6.90 -17.57
CA PHE B 181 11.56 -8.15 -17.72
C PHE B 181 10.70 -9.42 -17.57
N GLN B 182 9.84 -9.47 -16.55
CA GLN B 182 9.01 -10.65 -16.35
C GLN B 182 8.08 -10.79 -17.56
N GLU B 183 7.50 -9.68 -17.98
CA GLU B 183 6.61 -9.67 -19.12
C GLU B 183 7.33 -10.29 -20.33
N GLU B 184 8.59 -9.91 -20.51
CA GLU B 184 9.40 -10.38 -21.62
C GLU B 184 10.02 -11.76 -21.42
N GLY B 185 9.98 -12.27 -20.20
CA GLY B 185 10.55 -13.59 -19.99
C GLY B 185 12.01 -13.67 -19.56
N LEU B 186 12.58 -12.55 -19.12
CA LEU B 186 13.98 -12.55 -18.69
C LEU B 186 13.95 -12.92 -17.19
N HIS B 187 14.92 -13.68 -16.73
CA HIS B 187 14.93 -14.04 -15.32
C HIS B 187 15.63 -12.99 -14.42
N THR B 188 15.06 -12.72 -13.26
CA THR B 188 15.68 -11.79 -12.32
C THR B 188 15.75 -12.39 -10.91
N SER B 189 16.89 -12.23 -10.26
CA SER B 189 17.08 -12.66 -8.89
C SER B 189 16.79 -11.38 -8.13
N ILE B 190 16.14 -11.49 -6.98
CA ILE B 190 15.78 -10.31 -6.21
C ILE B 190 16.51 -10.25 -4.86
N TYR B 191 17.09 -9.10 -4.56
CA TYR B 191 17.79 -8.93 -3.28
C TYR B 191 17.55 -7.51 -2.74
N SER B 192 16.82 -7.40 -1.64
CA SER B 192 16.57 -6.08 -1.05
C SER B 192 17.13 -6.00 0.38
N PHE B 193 17.41 -4.78 0.81
CA PHE B 193 17.96 -4.52 2.13
C PHE B 193 17.56 -3.12 2.44
N ASP B 194 17.68 -2.72 3.70
CA ASP B 194 17.34 -1.36 4.11
C ASP B 194 18.66 -0.65 4.32
N GLU B 195 19.03 0.26 3.42
CA GLU B 195 20.28 0.96 3.57
C GLU B 195 20.28 1.87 4.80
N THR B 196 19.09 2.12 5.35
CA THR B 196 18.95 2.96 6.54
C THR B 196 19.40 2.18 7.80
N LYS B 197 19.71 0.90 7.61
CA LYS B 197 20.19 0.06 8.71
C LYS B 197 21.64 -0.32 8.44
N ASP B 198 22.31 -0.86 9.44
CA ASP B 198 23.71 -1.28 9.28
C ASP B 198 23.71 -2.22 8.08
N LEU B 199 24.67 -2.02 7.18
CA LEU B 199 24.77 -2.84 5.98
C LEU B 199 25.57 -4.12 6.19
N ASP B 200 25.13 -5.20 5.58
CA ASP B 200 25.85 -6.46 5.66
C ASP B 200 26.45 -6.62 4.26
N LEU B 201 27.38 -5.74 3.93
CA LEU B 201 28.02 -5.73 2.62
C LEU B 201 28.57 -7.08 2.16
N GLU B 202 29.05 -7.87 3.11
CA GLU B 202 29.59 -9.18 2.83
C GLU B 202 28.48 -10.05 2.25
N ASP B 203 27.31 -10.02 2.88
CA ASP B 203 26.18 -10.81 2.44
C ASP B 203 25.67 -10.34 1.07
N ILE B 204 25.59 -9.04 0.90
CA ILE B 204 25.15 -8.44 -0.35
C ILE B 204 26.05 -8.95 -1.50
N VAL B 205 27.34 -8.72 -1.34
CA VAL B 205 28.29 -9.12 -2.36
C VAL B 205 28.34 -10.63 -2.57
N ARG B 206 28.21 -11.41 -1.49
CA ARG B 206 28.24 -12.85 -1.66
C ARG B 206 26.96 -13.34 -2.35
N ASN B 207 25.84 -12.68 -2.07
CA ASN B 207 24.58 -13.04 -2.73
C ASN B 207 24.70 -12.75 -4.23
N ILE B 208 25.31 -11.63 -4.59
CA ILE B 208 25.51 -11.26 -6.00
C ILE B 208 26.46 -12.25 -6.67
N GLN B 209 27.54 -12.53 -5.97
CA GLN B 209 28.56 -13.44 -6.43
C GLN B 209 27.93 -14.76 -6.87
N ALA B 210 26.86 -15.15 -6.18
CA ALA B 210 26.18 -16.42 -6.45
C ALA B 210 24.94 -16.36 -7.33
N SER B 211 24.53 -15.18 -7.77
CA SER B 211 23.33 -15.13 -8.57
C SER B 211 23.49 -14.89 -10.06
N GLU B 212 23.85 -13.67 -10.42
CA GLU B 212 23.97 -13.29 -11.81
C GLU B 212 25.21 -12.45 -12.10
N ARG B 213 25.59 -12.40 -13.36
CA ARG B 213 26.74 -11.61 -13.76
C ARG B 213 26.39 -10.15 -14.05
N VAL B 214 25.14 -9.89 -14.43
CA VAL B 214 24.72 -8.52 -14.69
C VAL B 214 23.90 -8.13 -13.46
N VAL B 215 24.32 -7.05 -12.81
CA VAL B 215 23.66 -6.62 -11.59
C VAL B 215 23.08 -5.23 -11.80
N ILE B 216 21.78 -5.08 -11.56
CA ILE B 216 21.13 -3.77 -11.71
C ILE B 216 20.84 -3.34 -10.28
N MET B 217 21.40 -2.20 -9.89
CA MET B 217 21.25 -1.75 -8.51
C MET B 217 20.65 -0.36 -8.39
N CYS B 218 20.02 -0.10 -7.24
CA CYS B 218 19.49 1.20 -6.92
C CYS B 218 19.58 1.36 -5.42
N ALA B 219 20.29 2.40 -5.00
CA ALA B 219 20.48 2.70 -3.58
C ALA B 219 21.17 4.05 -3.61
N SER B 220 21.33 4.70 -2.45
CA SER B 220 22.01 6.01 -2.39
C SER B 220 23.39 5.86 -3.02
N SER B 221 23.96 6.95 -3.55
CA SER B 221 25.27 6.82 -4.18
C SER B 221 26.35 6.35 -3.21
N ASP B 222 26.21 6.68 -1.93
CA ASP B 222 27.20 6.21 -0.97
C ASP B 222 27.01 4.73 -0.67
N THR B 223 25.76 4.25 -0.77
CA THR B 223 25.53 2.83 -0.53
C THR B 223 26.17 2.05 -1.67
N ILE B 224 26.04 2.60 -2.87
CA ILE B 224 26.58 1.96 -4.06
C ILE B 224 28.11 1.98 -4.01
N ARG B 225 28.71 3.07 -3.58
CA ARG B 225 30.18 3.12 -3.52
C ARG B 225 30.67 2.02 -2.60
N SER B 226 29.98 1.80 -1.47
CA SER B 226 30.36 0.74 -0.54
C SER B 226 30.27 -0.66 -1.13
N ILE B 227 29.17 -0.94 -1.82
CA ILE B 227 29.00 -2.25 -2.42
C ILE B 227 30.17 -2.44 -3.38
N MET B 228 30.38 -1.45 -4.21
CA MET B 228 31.42 -1.52 -5.21
C MET B 228 32.81 -1.73 -4.60
N LEU B 229 33.01 -1.18 -3.41
CA LEU B 229 34.30 -1.31 -2.75
C LEU B 229 34.50 -2.74 -2.29
N VAL B 230 33.48 -3.33 -1.68
CA VAL B 230 33.56 -4.71 -1.22
C VAL B 230 33.67 -5.66 -2.41
N ALA B 231 32.94 -5.36 -3.49
CA ALA B 231 33.03 -6.19 -4.68
C ALA B 231 34.48 -6.14 -5.20
N HIS B 232 35.08 -4.95 -5.14
CA HIS B 232 36.46 -4.75 -5.58
C HIS B 232 37.41 -5.69 -4.83
N ARG B 233 37.24 -5.76 -3.51
CA ARG B 233 38.05 -6.63 -2.67
C ARG B 233 37.83 -8.09 -3.01
N HIS B 234 36.60 -8.43 -3.40
CA HIS B 234 36.29 -9.80 -3.75
C HIS B 234 36.67 -10.10 -5.21
N GLY B 235 37.38 -9.17 -5.85
CA GLY B 235 37.80 -9.36 -7.23
C GLY B 235 36.70 -9.40 -8.29
N MET B 236 35.57 -8.77 -8.01
CA MET B 236 34.41 -8.79 -8.91
C MET B 236 34.37 -7.67 -9.93
N THR B 237 35.27 -6.71 -9.78
CA THR B 237 35.33 -5.59 -10.69
C THR B 237 36.34 -6.02 -11.77
N SER B 238 36.59 -5.22 -12.78
CA SER B 238 37.55 -5.68 -13.80
C SER B 238 37.10 -6.77 -14.79
N GLY B 239 35.81 -6.89 -15.08
CA GLY B 239 35.41 -7.85 -16.09
C GLY B 239 34.38 -8.93 -15.88
N ASP B 240 34.43 -9.63 -14.76
CA ASP B 240 33.51 -10.72 -14.50
C ASP B 240 32.05 -10.33 -14.30
N TYR B 241 31.84 -9.08 -13.87
CA TYR B 241 30.50 -8.61 -13.61
C TYR B 241 30.21 -7.27 -14.25
N ALA B 242 28.99 -7.08 -14.73
CA ALA B 242 28.57 -5.82 -15.30
C ALA B 242 27.59 -5.21 -14.27
N PHE B 243 28.03 -4.16 -13.61
CA PHE B 243 27.23 -3.49 -12.59
C PHE B 243 26.52 -2.27 -13.20
N PHE B 244 25.31 -1.99 -12.73
CA PHE B 244 24.57 -0.81 -13.20
C PHE B 244 23.95 -0.17 -11.97
N ASN B 245 23.89 1.15 -11.94
CA ASN B 245 23.19 1.84 -10.85
C ASN B 245 22.27 2.81 -11.59
N ILE B 246 21.21 3.25 -10.93
CA ILE B 246 20.21 4.13 -11.52
C ILE B 246 20.24 5.47 -10.82
N GLU B 247 20.61 6.51 -11.56
CA GLU B 247 20.65 7.87 -11.02
C GLU B 247 19.99 8.75 -12.07
N LEU B 248 18.66 8.77 -12.06
CA LEU B 248 17.87 9.53 -13.04
C LEU B 248 17.73 11.05 -12.84
N PHE B 249 17.75 11.48 -11.58
CA PHE B 249 17.48 12.90 -11.30
C PHE B 249 18.54 13.77 -10.68
N ASN B 250 19.35 13.23 -9.78
CA ASN B 250 20.36 14.02 -9.08
C ASN B 250 21.68 14.17 -9.83
N SER B 251 21.89 15.37 -10.37
CA SER B 251 23.09 15.67 -11.14
C SER B 251 24.39 15.56 -10.37
N SER B 252 24.36 15.67 -9.05
CA SER B 252 25.59 15.50 -8.29
C SER B 252 25.98 14.02 -8.29
N SER B 253 25.03 13.14 -8.59
CA SER B 253 25.28 11.71 -8.57
C SER B 253 25.57 11.09 -9.92
N TYR B 254 25.13 11.70 -11.00
CA TYR B 254 25.46 11.11 -12.29
C TYR B 254 26.50 11.95 -13.03
N GLY B 255 27.06 12.93 -12.33
CA GLY B 255 28.08 13.78 -12.93
C GLY B 255 29.40 13.01 -13.03
N ASP B 256 30.27 13.44 -13.96
CA ASP B 256 31.57 12.80 -14.14
C ASP B 256 32.27 12.66 -12.81
N GLY B 257 32.99 11.54 -12.64
CA GLY B 257 33.71 11.27 -11.41
C GLY B 257 32.81 10.86 -10.25
N SER B 258 31.80 10.03 -10.50
CA SER B 258 30.89 9.63 -9.43
C SER B 258 31.58 8.83 -8.32
N TRP B 259 32.78 8.33 -8.59
CA TRP B 259 33.55 7.55 -7.61
C TRP B 259 34.30 8.39 -6.58
N LYS B 260 34.50 9.67 -6.90
CA LYS B 260 35.26 10.57 -6.02
C LYS B 260 34.53 11.20 -4.85
N ARG B 261 35.20 11.22 -3.71
CA ARG B 261 34.67 11.81 -2.49
C ARG B 261 35.77 12.61 -1.78
N GLY B 262 36.99 12.57 -2.32
CA GLY B 262 38.11 13.24 -1.68
C GLY B 262 38.38 12.38 -0.46
N ASP B 263 38.20 11.09 -0.68
CA ASP B 263 38.33 10.05 0.32
C ASP B 263 39.67 9.31 0.35
N LYS B 264 39.86 8.51 1.39
CA LYS B 264 41.06 7.69 1.51
C LYS B 264 40.75 6.43 0.69
N HIS B 265 39.58 6.41 0.07
CA HIS B 265 39.18 5.27 -0.74
C HIS B 265 39.03 5.66 -2.20
N ASP B 266 39.29 6.92 -2.52
CA ASP B 266 39.13 7.40 -3.89
C ASP B 266 39.82 6.60 -4.97
N PHE B 267 41.01 6.08 -4.68
CA PHE B 267 41.71 5.31 -5.70
C PHE B 267 41.04 3.97 -5.92
N GLU B 268 40.74 3.25 -4.84
CA GLU B 268 40.06 1.96 -4.97
C GLU B 268 38.70 2.16 -5.68
N ALA B 269 38.00 3.23 -5.35
CA ALA B 269 36.71 3.53 -5.96
C ALA B 269 36.81 3.73 -7.47
N LYS B 270 37.83 4.46 -7.92
CA LYS B 270 38.00 4.70 -9.35
C LYS B 270 38.17 3.39 -10.10
N GLN B 271 38.98 2.49 -9.53
CA GLN B 271 39.21 1.20 -10.14
C GLN B 271 37.93 0.35 -10.10
N ALA B 272 37.26 0.35 -8.97
CA ALA B 272 36.03 -0.43 -8.87
C ALA B 272 34.98 0.05 -9.90
N TYR B 273 34.81 1.36 -10.04
CA TYR B 273 33.83 1.91 -10.97
C TYR B 273 34.10 1.64 -12.44
N SER B 274 35.24 1.04 -12.74
CA SER B 274 35.52 0.73 -14.14
C SER B 274 34.50 -0.32 -14.61
N SER B 275 33.91 -1.05 -13.68
CA SER B 275 32.93 -2.07 -14.05
C SER B 275 31.50 -1.60 -13.84
N LEU B 276 31.32 -0.34 -13.46
CA LEU B 276 29.99 0.18 -13.19
C LEU B 276 29.47 1.09 -14.28
N GLN B 277 28.22 0.88 -14.69
CA GLN B 277 27.60 1.77 -15.66
C GLN B 277 26.39 2.46 -15.00
N THR B 278 26.19 3.73 -15.29
CA THR B 278 25.09 4.46 -14.68
C THR B 278 23.96 4.86 -15.62
N VAL B 279 22.73 4.53 -15.27
CA VAL B 279 21.61 4.91 -16.15
C VAL B 279 21.02 6.22 -15.61
N THR B 280 20.77 7.14 -16.53
CA THR B 280 20.19 8.43 -16.17
C THR B 280 19.33 8.85 -17.36
N LEU B 281 18.64 9.97 -17.19
CA LEU B 281 17.79 10.52 -18.22
C LEU B 281 18.60 11.31 -19.25
N LEU B 282 18.24 11.14 -20.52
CA LEU B 282 18.88 11.86 -21.60
C LEU B 282 18.15 13.19 -21.66
N ARG B 283 18.81 14.25 -21.21
CA ARG B 283 18.24 15.59 -21.19
C ARG B 283 18.71 16.36 -22.43
N THR B 284 17.93 17.36 -22.82
CA THR B 284 18.23 18.19 -23.98
C THR B 284 18.17 19.65 -23.58
N VAL B 285 18.74 20.53 -24.41
CA VAL B 285 18.73 21.96 -24.14
C VAL B 285 18.50 22.75 -25.42
N LYS B 286 18.08 23.99 -25.25
CA LYS B 286 17.83 24.90 -26.36
C LYS B 286 17.91 26.30 -25.74
N PRO B 287 18.14 27.34 -26.56
CA PRO B 287 18.24 28.72 -26.06
C PRO B 287 17.30 29.03 -24.91
N GLU B 288 16.00 28.84 -25.12
CA GLU B 288 15.01 29.11 -24.09
C GLU B 288 15.32 28.42 -22.76
N PHE B 289 15.71 27.15 -22.82
CA PHE B 289 16.01 26.41 -21.59
C PHE B 289 16.97 27.18 -20.70
N GLU B 290 17.98 27.80 -21.32
CA GLU B 290 18.97 28.56 -20.59
C GLU B 290 18.32 29.72 -19.84
N LYS B 291 17.42 30.42 -20.51
CA LYS B 291 16.71 31.55 -19.90
C LYS B 291 15.92 31.04 -18.71
N PHE B 292 15.12 30.00 -18.96
CA PHE B 292 14.32 29.36 -17.95
C PHE B 292 15.18 29.03 -16.74
N SER B 293 16.34 28.41 -16.99
CA SER B 293 17.26 28.01 -15.91
C SER B 293 17.75 29.23 -15.15
N MET B 294 18.17 30.25 -15.90
CA MET B 294 18.66 31.48 -15.30
C MET B 294 17.57 32.05 -14.44
N GLU B 295 16.39 32.21 -15.01
CA GLU B 295 15.27 32.76 -14.26
C GLU B 295 14.89 31.90 -13.06
N VAL B 296 14.87 30.58 -13.24
CA VAL B 296 14.52 29.71 -12.14
C VAL B 296 15.55 29.87 -11.02
N LYS B 297 16.83 29.83 -11.40
CA LYS B 297 17.91 29.98 -10.44
C LYS B 297 17.81 31.28 -9.65
N SER B 298 17.28 32.31 -10.29
CA SER B 298 17.14 33.62 -9.64
C SER B 298 16.19 33.60 -8.44
N SER B 299 14.98 33.09 -8.65
CA SER B 299 13.99 33.00 -7.60
C SER B 299 14.47 32.13 -6.44
N VAL B 300 15.02 30.97 -6.79
CA VAL B 300 15.49 30.01 -5.80
C VAL B 300 16.60 30.52 -4.90
N GLU B 301 17.52 31.32 -5.47
CA GLU B 301 18.62 31.84 -4.67
C GLU B 301 18.10 33.00 -3.83
N LYS B 302 17.20 33.78 -4.42
CA LYS B 302 16.60 34.92 -3.71
C LYS B 302 15.82 34.36 -2.52
N GLN B 303 15.52 33.07 -2.58
CA GLN B 303 14.77 32.36 -1.55
C GLN B 303 15.74 31.59 -0.63
N GLY B 304 16.93 32.15 -0.42
CA GLY B 304 17.94 31.55 0.43
C GLY B 304 18.12 30.04 0.32
N LEU B 305 18.82 29.60 -0.73
CA LEU B 305 19.08 28.18 -0.94
C LEU B 305 20.18 27.93 -1.95
N ASN B 306 20.94 26.87 -1.73
CA ASN B 306 22.00 26.52 -2.67
C ASN B 306 21.31 25.76 -3.80
N MET B 307 21.53 26.20 -5.03
CA MET B 307 20.88 25.54 -6.16
C MET B 307 21.63 24.28 -6.60
N GLU B 308 21.01 23.52 -7.49
CA GLU B 308 21.58 22.31 -8.05
C GLU B 308 21.96 22.62 -9.49
N ASP B 309 22.70 23.72 -9.65
CA ASP B 309 23.12 24.17 -10.97
C ASP B 309 21.88 24.24 -11.87
N TYR B 310 21.88 23.47 -12.95
CA TYR B 310 20.71 23.48 -13.82
C TYR B 310 19.62 22.64 -13.17
N VAL B 311 18.37 23.03 -13.42
CA VAL B 311 17.19 22.37 -12.86
C VAL B 311 16.91 20.93 -13.28
N ASN B 312 16.50 20.13 -12.30
CA ASN B 312 16.22 18.73 -12.51
C ASN B 312 14.96 18.47 -13.33
N MET B 313 14.73 17.19 -13.62
CA MET B 313 13.57 16.74 -14.42
C MET B 313 12.22 17.13 -13.82
N PHE B 314 12.11 17.17 -12.49
CA PHE B 314 10.84 17.54 -11.85
C PHE B 314 10.48 19.00 -12.13
N VAL B 315 11.46 19.89 -12.01
CA VAL B 315 11.26 21.31 -12.25
C VAL B 315 10.86 21.51 -13.70
N GLU B 316 11.58 20.84 -14.59
CA GLU B 316 11.30 20.96 -16.02
C GLU B 316 9.91 20.44 -16.31
N GLY B 317 9.64 19.20 -15.92
CA GLY B 317 8.35 18.59 -16.17
C GLY B 317 7.15 19.38 -15.66
N PHE B 318 7.26 19.98 -14.47
CA PHE B 318 6.15 20.75 -13.94
C PHE B 318 5.90 22.02 -14.74
N HIS B 319 6.95 22.53 -15.40
CA HIS B 319 6.80 23.72 -16.26
C HIS B 319 6.04 23.24 -17.49
N ASP B 320 6.42 22.07 -18.00
CA ASP B 320 5.74 21.55 -19.17
C ASP B 320 4.33 21.05 -18.80
N ALA B 321 4.09 20.81 -17.51
CA ALA B 321 2.77 20.34 -17.06
C ALA B 321 1.73 21.45 -17.34
N ILE B 322 2.11 22.67 -16.99
CA ILE B 322 1.25 23.81 -17.22
C ILE B 322 0.94 23.93 -18.70
N LEU B 323 1.97 23.95 -19.54
CA LEU B 323 1.76 24.08 -20.98
C LEU B 323 0.85 23.01 -21.57
N LEU B 324 1.02 21.77 -21.13
CA LEU B 324 0.20 20.67 -21.64
C LEU B 324 -1.24 20.84 -21.19
N TYR B 325 -1.44 21.36 -19.98
CA TYR B 325 -2.78 21.57 -19.45
C TYR B 325 -3.51 22.56 -20.37
N VAL B 326 -2.87 23.72 -20.58
CA VAL B 326 -3.42 24.78 -21.44
C VAL B 326 -3.79 24.26 -22.84
N LEU B 327 -2.91 23.50 -23.48
CA LEU B 327 -3.23 22.97 -24.79
C LEU B 327 -4.51 22.14 -24.72
N ALA B 328 -4.62 21.31 -23.69
CA ALA B 328 -5.80 20.46 -23.56
C ALA B 328 -7.05 21.29 -23.28
N LEU B 329 -6.91 22.31 -22.42
CA LEU B 329 -8.03 23.17 -22.06
C LEU B 329 -8.55 23.93 -23.27
N HIS B 330 -7.64 24.25 -24.18
CA HIS B 330 -7.98 24.95 -25.40
C HIS B 330 -8.89 24.05 -26.22
N GLU B 331 -8.32 22.99 -26.78
CA GLU B 331 -9.09 22.07 -27.61
C GLU B 331 -10.34 21.51 -26.96
N VAL B 332 -10.51 21.74 -25.66
CA VAL B 332 -11.69 21.22 -24.97
C VAL B 332 -12.77 22.32 -24.94
N LEU B 333 -12.33 23.53 -24.68
CA LEU B 333 -13.21 24.68 -24.65
C LEU B 333 -13.78 24.82 -26.05
N ARG B 334 -12.93 24.63 -27.05
CA ARG B 334 -13.36 24.72 -28.43
C ARG B 334 -14.53 23.77 -28.66
N ALA B 335 -14.32 22.49 -28.35
CA ALA B 335 -15.36 21.48 -28.52
C ALA B 335 -16.61 21.83 -27.72
N GLY B 336 -16.56 22.94 -26.98
CA GLY B 336 -17.70 23.37 -26.20
C GLY B 336 -17.83 22.86 -24.77
N TYR B 337 -16.75 22.31 -24.21
CA TYR B 337 -16.80 21.82 -22.84
C TYR B 337 -16.20 22.85 -21.88
N SER B 338 -16.27 22.59 -20.59
CA SER B 338 -15.71 23.54 -19.63
C SER B 338 -14.48 22.98 -18.90
N LYS B 339 -13.85 23.84 -18.10
CA LYS B 339 -12.68 23.45 -17.36
C LYS B 339 -13.05 22.38 -16.34
N LYS B 340 -14.35 22.24 -16.09
CA LYS B 340 -14.86 21.26 -15.13
C LYS B 340 -14.98 19.84 -15.69
N ASP B 341 -14.74 19.68 -16.99
CA ASP B 341 -14.78 18.35 -17.59
C ASP B 341 -13.40 17.72 -17.50
N GLY B 342 -12.93 17.48 -16.27
CA GLY B 342 -11.63 16.90 -16.05
C GLY B 342 -11.31 15.73 -16.96
N GLY B 343 -12.26 14.79 -17.07
CA GLY B 343 -12.04 13.63 -17.93
C GLY B 343 -11.68 14.06 -19.33
N LYS B 344 -12.42 15.03 -19.86
CA LYS B 344 -12.16 15.51 -21.20
C LYS B 344 -10.79 16.15 -21.30
N ILE B 345 -10.46 17.01 -20.35
CA ILE B 345 -9.17 17.65 -20.34
C ILE B 345 -8.03 16.61 -20.36
N ILE B 346 -8.06 15.65 -19.45
CA ILE B 346 -7.02 14.64 -19.41
C ILE B 346 -6.88 13.87 -20.73
N GLN B 347 -8.00 13.48 -21.34
CA GLN B 347 -7.89 12.75 -22.59
C GLN B 347 -7.16 13.59 -23.63
N GLN B 348 -7.32 14.90 -23.55
CA GLN B 348 -6.65 15.77 -24.52
C GLN B 348 -5.15 15.84 -24.28
N THR B 349 -4.70 15.61 -23.04
CA THR B 349 -3.28 15.68 -22.72
C THR B 349 -2.55 14.40 -23.14
N TRP B 350 -3.30 13.37 -23.49
CA TRP B 350 -2.73 12.11 -23.90
C TRP B 350 -2.47 12.00 -25.40
N ASN B 351 -1.58 11.09 -25.77
CA ASN B 351 -1.28 10.80 -27.16
C ASN B 351 -0.97 12.00 -28.02
N ARG B 352 -0.11 12.88 -27.53
CA ARG B 352 0.25 14.07 -28.29
C ARG B 352 1.69 14.47 -28.04
N THR B 353 2.23 15.26 -28.97
CA THR B 353 3.58 15.76 -28.89
C THR B 353 3.50 17.28 -28.89
N PHE B 354 4.21 17.91 -27.96
CA PHE B 354 4.21 19.36 -27.91
C PHE B 354 5.61 19.81 -27.60
N GLU B 355 5.84 21.12 -27.65
CA GLU B 355 7.15 21.68 -27.39
C GLU B 355 7.30 22.17 -25.95
N GLY B 356 8.21 21.53 -25.20
CA GLY B 356 8.46 21.93 -23.82
C GLY B 356 9.65 22.88 -23.81
N ILE B 357 10.05 23.40 -22.64
CA ILE B 357 11.19 24.32 -22.64
C ILE B 357 12.56 23.66 -22.79
N ALA B 358 12.57 22.37 -23.09
CA ALA B 358 13.85 21.71 -23.27
C ALA B 358 13.86 21.04 -24.64
N GLY B 359 12.69 20.96 -25.27
CA GLY B 359 12.57 20.33 -26.56
C GLY B 359 11.24 19.60 -26.64
N GLN B 360 11.04 18.85 -27.71
CA GLN B 360 9.79 18.10 -27.89
C GLN B 360 9.49 17.19 -26.71
N VAL B 361 8.21 17.08 -26.42
CA VAL B 361 7.73 16.23 -25.33
C VAL B 361 6.59 15.41 -25.90
N SER B 362 6.66 14.09 -25.79
CA SER B 362 5.58 13.24 -26.28
C SER B 362 4.94 12.45 -25.14
N ILE B 363 3.61 12.49 -25.07
CA ILE B 363 2.86 11.76 -24.06
C ILE B 363 2.27 10.59 -24.82
N ASP B 364 2.39 9.39 -24.28
CA ASP B 364 1.88 8.21 -24.98
C ASP B 364 0.36 8.04 -24.88
N ALA B 365 -0.16 7.04 -25.59
CA ALA B 365 -1.60 6.80 -25.63
C ALA B 365 -2.24 6.41 -24.30
N ASN B 366 -1.43 6.29 -23.25
CA ASN B 366 -1.97 5.93 -21.94
C ASN B 366 -1.76 7.08 -20.96
N GLY B 367 -1.34 8.24 -21.47
CA GLY B 367 -1.13 9.38 -20.59
C GLY B 367 0.19 9.45 -19.86
N ASP B 368 1.19 8.77 -20.41
CA ASP B 368 2.53 8.71 -19.83
C ASP B 368 3.58 9.23 -20.79
N ARG B 369 4.39 10.18 -20.33
CA ARG B 369 5.46 10.77 -21.12
C ARG B 369 6.48 9.71 -21.58
N TYR B 370 6.85 9.72 -22.87
CA TYR B 370 7.84 8.76 -23.39
C TYR B 370 9.18 9.19 -22.84
N GLY B 371 10.02 8.23 -22.44
CA GLY B 371 11.30 8.60 -21.88
C GLY B 371 12.55 8.19 -22.66
N ASP B 372 13.51 9.11 -22.71
CA ASP B 372 14.80 8.91 -23.35
C ASP B 372 15.81 8.79 -22.21
N PHE B 373 16.73 7.84 -22.36
CA PHE B 373 17.77 7.54 -21.37
C PHE B 373 19.17 7.39 -21.98
N SER B 374 20.16 7.55 -21.12
CA SER B 374 21.55 7.40 -21.51
C SER B 374 22.24 6.50 -20.51
N VAL B 375 23.27 5.80 -20.97
CA VAL B 375 24.08 4.92 -20.13
C VAL B 375 25.46 5.58 -20.02
N ILE B 376 25.94 5.82 -18.82
CA ILE B 376 27.26 6.44 -18.60
C ILE B 376 28.24 5.35 -18.15
N ALA B 377 29.42 5.31 -18.76
CA ALA B 377 30.41 4.31 -18.39
C ALA B 377 31.79 4.94 -18.32
N MET B 378 32.71 4.30 -17.60
CA MET B 378 34.06 4.82 -17.48
C MET B 378 34.81 4.50 -18.77
N THR B 379 35.16 5.50 -19.57
CA THR B 379 35.86 5.27 -20.83
C THR B 379 37.39 5.40 -20.73
N ASP B 380 37.86 5.78 -19.54
CA ASP B 380 39.28 5.88 -19.30
C ASP B 380 39.52 5.58 -17.83
N VAL B 381 39.94 4.36 -17.53
CA VAL B 381 40.14 3.98 -16.14
C VAL B 381 41.30 4.62 -15.42
N GLU B 382 42.36 4.94 -16.15
CA GLU B 382 43.49 5.58 -15.49
C GLU B 382 42.99 6.93 -14.97
N ALA B 383 42.22 7.62 -15.82
CA ALA B 383 41.68 8.93 -15.45
C ALA B 383 40.42 8.83 -14.60
N GLY B 384 39.60 7.80 -14.83
CA GLY B 384 38.36 7.62 -14.09
C GLY B 384 37.28 8.46 -14.74
N THR B 385 37.48 8.71 -16.02
CA THR B 385 36.59 9.50 -16.85
C THR B 385 35.36 8.73 -17.30
N GLN B 386 34.19 9.27 -16.97
CA GLN B 386 32.92 8.65 -17.33
C GLN B 386 32.19 9.49 -18.36
N GLU B 387 31.72 8.85 -19.43
CA GLU B 387 31.01 9.56 -20.50
C GLU B 387 29.80 8.75 -20.92
N VAL B 388 28.90 9.38 -21.68
CA VAL B 388 27.73 8.71 -22.20
C VAL B 388 28.22 7.75 -23.25
N ILE B 389 27.70 6.53 -23.20
CA ILE B 389 28.12 5.48 -24.12
C ILE B 389 27.02 5.07 -25.09
N GLY B 390 25.78 5.27 -24.67
CA GLY B 390 24.65 4.91 -25.52
C GLY B 390 23.39 5.60 -25.07
N ASP B 391 22.39 5.66 -25.95
CA ASP B 391 21.13 6.29 -25.62
C ASP B 391 20.00 5.38 -26.03
N TYR B 392 18.83 5.66 -25.46
CA TYR B 392 17.62 4.93 -25.75
C TYR B 392 16.57 6.00 -25.94
N PHE B 393 15.86 5.92 -27.05
CA PHE B 393 14.82 6.88 -27.38
C PHE B 393 13.55 6.11 -27.26
N GLY B 394 12.79 6.42 -26.21
CA GLY B 394 11.57 5.72 -25.90
C GLY B 394 10.48 5.58 -26.95
N LYS B 395 10.14 6.68 -27.61
CA LYS B 395 9.08 6.66 -28.59
C LYS B 395 9.46 5.79 -29.79
N GLU B 396 10.67 5.92 -30.31
CA GLU B 396 11.08 5.10 -31.44
C GLU B 396 11.37 3.69 -30.92
N GLY B 397 11.75 3.61 -29.64
CA GLY B 397 12.05 2.33 -29.03
C GLY B 397 13.37 1.77 -29.53
N ARG B 398 14.35 2.65 -29.73
CA ARG B 398 15.66 2.24 -30.24
C ARG B 398 16.82 2.57 -29.32
N PHE B 399 17.65 1.58 -29.04
CA PHE B 399 18.84 1.80 -28.23
C PHE B 399 19.97 1.92 -29.24
N GLU B 400 20.83 2.90 -29.06
CA GLU B 400 21.95 3.06 -29.98
C GLU B 400 23.20 3.56 -29.27
N MET B 401 24.31 2.86 -29.51
CA MET B 401 25.59 3.24 -28.92
C MET B 401 26.07 4.47 -29.67
N ARG B 402 26.89 5.30 -29.03
CA ARG B 402 27.38 6.50 -29.68
C ARG B 402 28.67 6.21 -30.45
N PRO B 403 28.88 6.92 -31.57
CA PRO B 403 30.07 6.79 -32.43
C PRO B 403 31.40 6.65 -31.70
N GLY C 5 11.72 -14.05 1.69
N GLY C 5 11.53 -13.56 -4.64
CA GLY C 5 10.47 -13.81 2.47
CA GLY C 5 11.44 -12.22 -5.27
C GLY C 5 9.80 -12.49 2.12
C GLY C 5 10.29 -11.40 -4.73
N CYS C 6 8.66 -12.57 1.46
N CYS C 6 10.62 -10.35 -3.97
CA CYS C 6 7.92 -11.38 1.05
CA CYS C 6 9.62 -9.47 -3.38
C CYS C 6 7.54 -10.47 2.22
C CYS C 6 8.68 -8.83 -4.39
N PHE C 7 7.93 -10.86 3.43
N PHE C 7 8.88 -9.16 -5.67
CA PHE C 7 7.66 -10.07 4.63
CA PHE C 7 8.04 -8.63 -6.75
C PHE C 7 8.93 -9.43 5.15
C PHE C 7 7.14 -9.72 -7.31
N GLY C 8 8.87 -8.96 6.39
N GLY C 8 6.58 -9.46 -8.48
CA GLY C 8 10.03 -8.35 7.02
CA GLY C 8 5.72 -10.43 -9.13
C GLY C 8 9.72 -7.23 8.00
C GLY C 8 4.59 -9.85 -9.95
N LEU C 9 8.61 -7.36 8.72
N LEU C 9 4.83 -8.70 -10.58
CA LEU C 9 8.19 -6.35 9.70
CA LEU C 9 3.82 -8.02 -11.40
C LEU C 9 8.59 -4.95 9.22
C LEU C 9 2.43 -8.25 -10.79
N LYS C 10 7.89 -4.48 8.20
N LYS C 10 2.18 -7.58 -9.67
CA LYS C 10 8.14 -3.20 7.56
CA LYS C 10 0.94 -7.69 -8.93
C LYS C 10 6.87 -2.96 6.76
C LYS C 10 1.00 -6.50 -7.98
N LEU C 11 6.97 -2.12 5.73
N LEU C 11 0.25 -6.57 -6.89
CA LEU C 11 5.86 -1.86 4.83
CA LEU C 11 0.27 -5.53 -5.87
C LEU C 11 4.54 -1.59 5.56
C LEU C 11 0.17 -4.13 -6.44
N ASP C 12 4.56 -0.71 6.56
N ASP C 12 -0.81 -3.89 -7.34
CA ASP C 12 3.32 -0.39 7.25
CA ASP C 12 -0.96 -2.55 -7.88
C ASP C 12 2.41 0.24 6.22
C ASP C 12 -1.33 -1.66 -6.69
N ARG C 13 3.01 1.10 5.40
N ARG C 13 -2.20 -2.20 -5.85
CA ARG C 13 2.31 1.83 4.36
CA ARG C 13 -2.70 -1.51 -4.67
C ARG C 13 1.55 0.97 3.35
C ARG C 13 -1.62 -1.01 -3.71
N ILE C 14 1.36 -0.30 3.67
N ILE C 14 -0.37 -1.00 -4.15
CA ILE C 14 0.64 -1.15 2.74
CA ILE C 14 0.67 -0.51 -3.26
C ILE C 14 -0.79 -0.66 2.64
C ILE C 14 0.44 0.96 -2.98
N GLY C 15 -0.97 0.28 1.73
N GLY C 15 -0.37 1.19 -1.96
CA GLY C 15 -2.27 0.88 1.51
CA GLY C 15 -0.71 2.53 -1.56
C GLY C 15 -2.07 1.85 0.38
C GLY C 15 -1.60 2.37 -0.34
N SER C 16 -3.16 2.20 -0.30
N SER C 16 -1.67 3.42 0.46
CA SER C 16 -3.11 3.14 -1.40
CA SER C 16 -2.50 3.40 1.66
C SER C 16 -2.09 2.76 -2.47
C SER C 16 -2.20 2.23 2.59
N MET C 17 -2.28 1.58 -3.07
N MET C 17 -0.95 2.16 3.06
CA MET C 17 -1.45 1.01 -4.14
CA MET C 17 -0.43 1.14 3.98
C MET C 17 -1.18 -0.48 -3.93
C MET C 17 0.96 0.68 3.58
N SER C 18 -0.57 -1.12 -4.93
N SER C 18 1.58 -0.13 4.44
CA SER C 18 -0.28 -2.55 -4.86
CA SER C 18 2.92 -0.64 4.18
C SER C 18 0.82 -3.01 -5.82
C SER C 18 3.29 -1.89 4.99
N GLY C 19 0.87 -2.42 -7.01
N GLY C 19 2.80 -1.97 6.23
CA GLY C 19 1.87 -2.81 -7.98
CA GLY C 19 3.12 -3.12 7.06
C GLY C 19 2.01 -4.32 -7.98
C GLY C 19 4.58 -3.51 6.88
N LEU C 20 3.25 -4.82 -8.09
N LEU C 20 4.86 -4.81 6.82
CA LEU C 20 3.49 -6.26 -8.07
CA LEU C 20 6.23 -5.29 6.63
C LEU C 20 4.84 -6.61 -7.47
C LEU C 20 6.29 -6.60 5.87
N GLY C 21 4.95 -7.84 -6.98
N GLY C 21 7.43 -6.85 5.24
CA GLY C 21 6.20 -8.30 -6.41
CA GLY C 21 7.62 -8.09 4.50
C GLY C 21 6.56 -7.69 -5.08
C GLY C 21 6.83 -8.21 3.23
N CYS C 22 6.79 -8.55 -4.09
N CYS C 22 7.53 -8.46 2.13
CA CYS C 22 7.17 -8.10 -2.75
CA CYS C 22 6.90 -8.61 0.83
C CYS C 22 8.57 -8.56 -2.39
C CYS C 22 7.08 -10.04 0.30
C1 NAG D . 22.03 14.60 -4.50
C2 NAG D . 21.35 14.89 -3.17
C3 NAG D . 22.36 15.07 -2.02
C4 NAG D . 23.47 14.01 -2.06
C5 NAG D . 24.04 13.86 -3.47
C6 NAG D . 25.09 12.77 -3.60
C7 NAG D . 19.24 16.08 -3.11
C8 NAG D . 18.57 17.39 -2.73
N2 NAG D . 20.56 16.11 -3.30
O3 NAG D . 21.68 14.97 -0.78
O4 NAG D . 24.54 14.36 -1.15
O5 NAG D . 22.96 13.53 -4.37
O6 NAG D . 25.95 13.03 -4.70
O7 NAG D . 18.56 15.05 -3.23
C1 NAG D . 24.75 13.47 -0.12
C2 NAG D . 26.13 13.72 0.53
C3 NAG D . 26.32 12.74 1.68
C4 NAG D . 25.16 12.84 2.67
C5 NAG D . 23.83 12.67 1.93
C6 NAG D . 22.63 12.87 2.85
C7 NAG D . 27.69 14.59 -1.06
C8 NAG D . 28.96 14.36 -1.89
N2 NAG D . 27.17 13.54 -0.46
O3 NAG D . 27.54 13.03 2.34
O4 NAG D . 25.30 11.82 3.66
O5 NAG D . 23.73 13.63 0.86
O6 NAG D . 22.50 14.24 3.21
O7 NAG D . 27.21 15.72 -0.98
C1 NAG E . -18.05 -20.04 5.25
C2 NAG E . -19.31 -20.23 4.38
C3 NAG E . -19.89 -21.63 4.63
C4 NAG E . -18.82 -22.70 4.42
C5 NAG E . -17.58 -22.42 5.26
C6 NAG E . -16.43 -23.38 4.97
C7 NAG E . -19.99 -17.94 4.66
C8 NAG E . -19.02 -17.40 5.71
N2 NAG E . -20.29 -19.22 4.72
O3 NAG E . -20.98 -21.85 3.74
O4 NAG E . -19.37 -23.97 4.79
O5 NAG E . -17.09 -21.08 5.00
O6 NAG E . -15.17 -22.82 5.34
O7 NAG E . -20.46 -17.16 3.82
C1 NAG F . -4.22 0.02 31.79
C2 NAG F . -4.40 0.26 33.31
C3 NAG F . -3.70 1.54 33.84
C4 NAG F . -2.34 1.74 33.18
C5 NAG F . -2.53 1.70 31.67
C6 NAG F . -1.28 2.04 30.88
C7 NAG F . -6.25 1.01 34.69
C8 NAG F . -6.57 2.49 34.52
N2 NAG F . -5.82 0.34 33.63
O3 NAG F . -3.53 1.43 35.24
O4 NAG F . -1.80 3.00 33.58
O5 NAG F . -2.93 0.37 31.30
O6 NAG F . -1.63 2.57 29.61
O7 NAG F . -6.39 0.49 35.80
CL CL G . -15.15 -2.73 4.10
C1 NAG H . -2.36 9.13 -31.35
C2 NAG H . -3.15 8.07 -32.10
C3 NAG H . -2.56 7.83 -33.49
C4 NAG H . -2.22 9.14 -34.23
C5 NAG H . -1.50 10.13 -33.30
C6 NAG H . -1.25 11.50 -33.91
C7 NAG H . -4.23 6.19 -31.02
C8 NAG H . -4.93 5.41 -32.12
N2 NAG H . -3.11 6.82 -31.34
O3 NAG H . -3.46 7.07 -34.28
O4 NAG H . -1.37 8.85 -35.34
O5 NAG H . -2.29 10.33 -32.11
O6 NAG H . -0.60 12.36 -32.99
O7 NAG H . -4.70 6.21 -29.89
CL CL I . 5.12 14.82 -2.96
#